data_6WXA
#
_entry.id   6WXA
#
_cell.length_a   67.296
_cell.length_b   86.492
_cell.length_c   168.226
_cell.angle_alpha   90.000
_cell.angle_beta   90.000
_cell.angle_gamma   90.000
#
_symmetry.space_group_name_H-M   'P 21 21 21'
#
loop_
_entity.id
_entity.type
_entity.pdbx_description
1 polymer 'Hyaluronan lyase'
2 branched '4-deoxy-alpha-L-threo-hex-4-enopyranuronic acid-(1-3)-2-acetamido-2-deoxy-beta-D-glucopyranose-(1-4)-beta-D-glucopyranuronic acid-(1-3)-2-acetamido-2-deoxy-beta-D-glucopyranose-(1-4)-beta-D-glucopyranuronic acid-(1-3)-2-acetamido-2-deoxy-beta-D-glucopyranose'
3 branched '2-acetamido-2-deoxy-beta-D-glucopyranose-(1-4)-beta-D-glucopyranuronic acid-(1-3)-2-acetamido-2-deoxy-beta-D-glucopyranose-(1-4)-beta-D-glucopyranuronic acid-(1-3)-2-acetamido-2-deoxy-beta-D-glucopyranose'
4 branched '4-deoxy-alpha-L-threo-hex-4-enopyranuronic acid-(1-3)-2-acetamido-2-deoxy-beta-D-glucopyranose-(1-4)-beta-D-glucopyranuronic acid-(1-3)-2-acetamido-2-deoxy-beta-D-glucopyranose'
5 non-polymer 'NICKEL (II) ION'
6 water water
#
_entity_poly.entity_id   1
_entity_poly.type   'polypeptide(L)'
_entity_poly.pdbx_seq_one_letter_code
;DYDQLQNKPDLGAFAQKEETNSKITKLESSKADKSAVYSKAESKIELDKKLSLTGGIVTGQLQFKPNKSGIKPSSSVGGA
INIDMSKSEGAAMVMYTNKDTTDGPLMILRSDKDTFDQSAQFVDYSGKTNAVNIVMRQPSAPNFSSALNITSANEGGSAM
QIRGVEKALGTLKITHENPNVEAKYDENAAALSIDIVKKQKGGKGTAAQGIYINSTSGTAGKMLRIRNKNEDKFYVGPDG
GFHSGANSTVAGNLTVKDPTSGKHAATKDYVDEKIAELKKLILKKLEHHHHHH
;
_entity_poly.pdbx_strand_id   A,B,C
#
# COMPACT_ATOMS: atom_id res chain seq x y z
N GLN A 16 24.34 -48.52 74.77
CA GLN A 16 23.40 -49.47 74.10
C GLN A 16 22.11 -49.56 74.89
N LYS A 17 20.99 -49.79 74.22
CA LYS A 17 19.77 -50.20 74.89
C LYS A 17 18.95 -51.23 74.06
N GLU A 18 17.67 -51.41 74.40
CA GLU A 18 16.63 -51.99 73.52
C GLU A 18 16.04 -50.85 72.65
N GLU A 19 16.06 -49.61 73.14
CA GLU A 19 15.47 -48.42 72.48
C GLU A 19 16.30 -47.61 71.49
N THR A 20 17.56 -47.98 71.18
CA THR A 20 18.08 -47.34 70.01
C THR A 20 17.25 -47.82 68.80
N ASN A 21 16.58 -48.97 68.89
CA ASN A 21 15.68 -49.45 67.83
C ASN A 21 14.48 -48.52 67.60
N SER A 22 14.10 -47.71 68.60
CA SER A 22 13.11 -46.65 68.43
C SER A 22 13.68 -45.50 67.58
N LYS A 23 14.89 -45.05 67.93
CA LYS A 23 15.59 -44.00 67.18
C LYS A 23 15.87 -44.36 65.73
N ILE A 24 16.23 -45.61 65.47
CA ILE A 24 16.39 -46.12 64.11
C ILE A 24 15.05 -46.12 63.35
N THR A 25 13.95 -46.48 64.00
CA THR A 25 12.63 -46.51 63.37
C THR A 25 12.11 -45.10 63.09
N LYS A 26 12.49 -44.12 63.94
CA LYS A 26 12.13 -42.71 63.72
C LYS A 26 12.84 -42.15 62.46
N LEU A 27 14.13 -42.50 62.27
CA LEU A 27 14.87 -42.14 61.07
C LEU A 27 14.29 -42.83 59.81
N GLU A 28 14.00 -44.12 59.88
CA GLU A 28 13.40 -44.86 58.76
C GLU A 28 12.03 -44.31 58.38
N SER A 29 11.34 -43.74 59.36
CA SER A 29 10.02 -43.14 59.17
C SER A 29 10.11 -41.67 58.67
N SER A 30 10.94 -40.85 59.32
CA SER A 30 10.94 -39.39 59.13
C SER A 30 11.87 -38.85 58.01
N LYS A 31 12.87 -39.63 57.58
CA LYS A 31 13.83 -39.20 56.54
C LYS A 31 13.45 -39.75 55.17
N ALA A 32 13.70 -38.92 54.15
CA ALA A 32 13.25 -39.21 52.80
C ALA A 32 14.13 -40.24 52.13
N ASP A 33 13.48 -41.18 51.45
CA ASP A 33 14.18 -42.22 50.72
C ASP A 33 14.73 -41.61 49.44
N LYS A 34 15.84 -42.16 48.95
CA LYS A 34 16.48 -41.63 47.73
C LYS A 34 15.61 -41.90 46.50
N SER A 35 15.15 -43.14 46.36
CA SER A 35 14.32 -43.55 45.24
C SER A 35 13.00 -42.72 45.07
N ALA A 36 12.47 -42.16 46.17
CA ALA A 36 11.19 -41.42 46.13
C ALA A 36 11.31 -39.87 45.99
N VAL A 37 12.51 -39.36 45.71
CA VAL A 37 12.74 -37.93 45.49
C VAL A 37 13.77 -37.73 44.37
N TYR A 38 13.71 -36.60 43.65
CA TYR A 38 14.76 -36.25 42.69
C TYR A 38 15.99 -35.73 43.42
N SER A 39 17.17 -36.20 43.02
CA SER A 39 18.41 -35.55 43.41
C SER A 39 18.47 -34.17 42.77
N LYS A 40 19.37 -33.32 43.25
CA LYS A 40 19.62 -32.02 42.68
C LYS A 40 19.99 -32.12 41.21
N ALA A 41 20.75 -33.14 40.85
CA ALA A 41 21.19 -33.35 39.47
C ALA A 41 20.02 -33.75 38.59
N GLU A 42 19.13 -34.60 39.10
CA GLU A 42 17.93 -34.95 38.33
C GLU A 42 17.01 -33.71 38.16
N SER A 43 16.96 -32.86 39.19
CA SER A 43 16.16 -31.65 39.18
C SER A 43 16.68 -30.66 38.14
N LYS A 44 18.01 -30.51 38.03
CA LYS A 44 18.63 -29.63 37.07
C LYS A 44 18.26 -30.06 35.65
N ILE A 45 18.43 -31.35 35.37
CA ILE A 45 18.01 -31.96 34.12
C ILE A 45 16.56 -31.60 33.76
N GLU A 46 15.64 -31.76 34.70
CA GLU A 46 14.22 -31.51 34.44
C GLU A 46 13.90 -30.02 34.32
N LEU A 47 14.55 -29.19 35.13
CA LEU A 47 14.40 -27.72 35.02
C LEU A 47 15.00 -27.13 33.72
N ASP A 48 16.12 -27.68 33.25
CA ASP A 48 16.74 -27.27 32.00
C ASP A 48 15.90 -27.55 30.74
N LYS A 49 14.94 -28.46 30.86
CA LYS A 49 13.93 -28.67 29.83
C LYS A 49 12.82 -27.61 29.81
N LYS A 50 12.77 -26.73 30.77
CA LYS A 50 11.74 -25.69 30.89
C LYS A 50 12.31 -24.32 30.61
N LEU A 51 11.46 -23.43 30.09
CA LEU A 51 11.86 -22.09 29.72
C LEU A 51 12.04 -21.19 30.93
N SER A 52 13.23 -20.67 31.07
CA SER A 52 13.49 -19.63 32.07
C SER A 52 12.92 -18.29 31.64
N LEU A 53 12.30 -17.60 32.58
CA LEU A 53 11.87 -16.21 32.42
C LEU A 53 12.98 -15.27 31.91
N THR A 54 14.24 -15.59 32.18
CA THR A 54 15.36 -14.78 31.66
C THR A 54 15.73 -15.03 30.19
N GLY A 55 15.13 -16.01 29.55
CA GLY A 55 15.40 -16.34 28.15
C GLY A 55 15.75 -17.78 27.91
N GLY A 56 15.67 -18.20 26.65
CA GLY A 56 15.96 -19.57 26.26
C GLY A 56 15.49 -19.79 24.83
N ILE A 57 15.68 -21.02 24.38
CA ILE A 57 15.53 -21.43 23.00
C ILE A 57 14.42 -22.43 22.93
N VAL A 58 13.33 -22.08 22.26
CA VAL A 58 12.24 -23.03 22.01
C VAL A 58 12.45 -23.72 20.67
N THR A 59 12.40 -25.05 20.63
CA THR A 59 12.64 -25.85 19.42
C THR A 59 11.38 -26.55 18.90
N GLY A 60 10.24 -26.42 19.57
CA GLY A 60 8.97 -26.98 19.06
C GLY A 60 7.95 -25.89 18.88
N GLN A 61 6.70 -26.27 18.65
CA GLN A 61 5.66 -25.30 18.45
C GLN A 61 5.21 -24.74 19.79
N LEU A 62 5.14 -23.42 19.89
CA LEU A 62 4.51 -22.77 21.02
C LEU A 62 3.12 -22.35 20.59
N GLN A 63 2.10 -22.91 21.22
CA GLN A 63 0.71 -22.61 20.87
C GLN A 63 0.10 -21.72 21.93
N PHE A 64 -0.62 -20.68 21.55
CA PHE A 64 -1.43 -19.89 22.49
C PHE A 64 -2.90 -20.21 22.25
N LYS A 65 -3.61 -20.60 23.31
CA LYS A 65 -5.04 -20.93 23.24
C LYS A 65 -5.68 -20.32 24.46
N PRO A 66 -5.75 -19.00 24.50
CA PRO A 66 -6.38 -18.35 25.63
C PRO A 66 -7.87 -18.68 25.66
N ASN A 67 -8.42 -18.79 26.86
CA ASN A 67 -9.83 -19.19 27.03
C ASN A 67 -10.23 -18.74 28.44
N LYS A 68 -11.06 -17.69 28.50
CA LYS A 68 -11.38 -17.02 29.75
C LYS A 68 -10.08 -16.70 30.53
N SER A 69 -9.16 -16.01 29.84
CA SER A 69 -7.82 -15.73 30.36
C SER A 69 -7.52 -14.22 30.62
N GLY A 70 -8.53 -13.35 30.59
CA GLY A 70 -8.31 -11.90 30.80
C GLY A 70 -7.51 -11.16 29.71
N ILE A 71 -7.48 -11.71 28.51
CA ILE A 71 -6.79 -11.05 27.38
C ILE A 71 -7.57 -9.78 26.96
N LYS A 72 -6.84 -8.70 26.78
CA LYS A 72 -7.47 -7.40 26.49
C LYS A 72 -7.19 -6.95 25.04
N PRO A 73 -8.03 -6.02 24.53
CA PRO A 73 -7.74 -5.42 23.20
C PRO A 73 -6.70 -4.28 23.23
N SER A 74 -6.39 -3.77 24.43
CA SER A 74 -5.59 -2.58 24.60
C SER A 74 -4.33 -2.60 23.73
N SER A 75 -4.14 -1.50 23.01
CA SER A 75 -2.97 -1.35 22.17
C SER A 75 -1.73 -1.00 22.98
N SER A 76 -1.83 -0.88 24.31
CA SER A 76 -0.60 -0.87 25.14
C SER A 76 -0.36 -2.13 25.96
N VAL A 77 -1.39 -2.63 26.66
CA VAL A 77 -1.24 -3.76 27.58
C VAL A 77 -1.92 -5.06 27.16
N GLY A 78 -2.60 -5.09 26.04
CA GLY A 78 -3.33 -6.29 25.65
C GLY A 78 -2.50 -7.43 25.07
N GLY A 79 -3.20 -8.38 24.47
CA GLY A 79 -2.64 -9.38 23.61
C GLY A 79 -2.42 -10.63 24.35
N ALA A 80 -2.57 -11.77 23.67
CA ALA A 80 -2.16 -13.00 24.21
C ALA A 80 -0.63 -13.00 24.44
N ILE A 81 0.08 -12.38 23.52
CA ILE A 81 1.43 -11.92 23.70
C ILE A 81 1.42 -10.42 23.68
N ASN A 82 2.14 -9.85 24.62
CA ASN A 82 2.37 -8.41 24.70
C ASN A 82 3.89 -8.22 24.83
N ILE A 83 4.47 -7.39 23.99
CA ILE A 83 5.86 -6.99 24.11
C ILE A 83 5.89 -5.50 24.32
N ASP A 84 6.41 -5.06 25.44
CA ASP A 84 6.59 -3.63 25.73
C ASP A 84 8.10 -3.32 25.67
N MET A 85 8.50 -2.48 24.73
CA MET A 85 9.92 -2.13 24.57
C MET A 85 10.22 -0.76 25.16
N SER A 86 9.32 -0.21 25.97
CA SER A 86 9.49 1.13 26.52
C SER A 86 10.81 1.35 27.27
N LYS A 87 11.31 0.32 27.94
CA LYS A 87 12.52 0.42 28.77
C LYS A 87 13.71 -0.37 28.20
N SER A 88 13.69 -0.61 26.90
CA SER A 88 14.67 -1.46 26.30
C SER A 88 14.99 -1.00 24.87
N GLU A 89 16.27 -1.12 24.54
CA GLU A 89 16.73 -0.98 23.19
C GLU A 89 16.24 -2.22 22.39
N GLY A 90 16.35 -2.13 21.07
CA GLY A 90 16.11 -3.29 20.22
C GLY A 90 14.68 -3.39 19.66
N ALA A 91 14.56 -4.38 18.80
CA ALA A 91 13.30 -4.76 18.18
C ALA A 91 12.43 -5.51 19.16
N ALA A 92 11.13 -5.38 19.01
CA ALA A 92 10.22 -6.24 19.75
C ALA A 92 10.26 -7.68 19.20
N MET A 93 10.15 -7.82 17.89
CA MET A 93 10.14 -9.14 17.28
C MET A 93 10.79 -9.19 15.90
N VAL A 94 11.60 -10.23 15.70
CA VAL A 94 12.28 -10.48 14.47
C VAL A 94 11.99 -11.89 13.96
N MET A 95 11.64 -12.00 12.69
CA MET A 95 11.47 -13.26 12.00
C MET A 95 12.43 -13.21 10.83
N TYR A 96 13.29 -14.22 10.75
CA TYR A 96 14.36 -14.22 9.78
C TYR A 96 14.43 -15.55 9.07
N THR A 97 14.69 -15.56 7.78
CA THR A 97 14.99 -16.81 7.12
C THR A 97 16.03 -16.60 6.00
N ASN A 98 16.92 -17.57 5.83
CA ASN A 98 17.82 -17.61 4.68
C ASN A 98 17.52 -18.82 3.82
N LYS A 99 16.32 -19.33 3.97
CA LYS A 99 15.95 -20.56 3.32
C LYS A 99 15.76 -20.35 1.81
N ASP A 100 16.14 -21.36 1.02
CA ASP A 100 16.13 -21.29 -0.46
C ASP A 100 14.69 -21.26 -0.98
N THR A 101 13.89 -22.15 -0.43
CA THR A 101 12.50 -22.36 -0.74
C THR A 101 11.86 -22.98 0.50
N THR A 102 10.55 -22.90 0.63
CA THR A 102 9.86 -23.46 1.79
C THR A 102 8.37 -23.53 1.50
N ASP A 103 7.60 -24.00 2.48
N ASP A 103 7.61 -24.00 2.48
CA ASP A 103 6.21 -24.36 2.22
CA ASP A 103 6.22 -24.38 2.31
C ASP A 103 5.20 -23.28 2.64
C ASP A 103 5.22 -23.21 2.51
N GLY A 104 5.68 -22.19 3.24
CA GLY A 104 4.78 -21.13 3.62
C GLY A 104 5.44 -19.84 4.04
N PRO A 105 4.62 -18.79 4.14
CA PRO A 105 5.13 -17.48 4.47
C PRO A 105 5.69 -17.42 5.87
N LEU A 106 6.49 -16.40 6.11
CA LEU A 106 7.03 -16.14 7.43
C LEU A 106 5.92 -15.79 8.43
N MET A 107 5.08 -14.83 8.11
CA MET A 107 4.03 -14.41 9.04
C MET A 107 2.67 -14.54 8.38
N ILE A 108 1.70 -15.07 9.09
CA ILE A 108 0.33 -15.17 8.60
C ILE A 108 -0.63 -14.60 9.63
N LEU A 109 -1.53 -13.75 9.16
CA LEU A 109 -2.72 -13.31 9.89
C LEU A 109 -3.94 -13.78 9.13
N ARG A 110 -4.85 -14.45 9.83
CA ARG A 110 -6.03 -15.02 9.18
C ARG A 110 -7.27 -14.91 10.03
N SER A 111 -8.34 -14.42 9.41
CA SER A 111 -9.67 -14.36 10.03
C SER A 111 -10.63 -15.01 9.02
N ASP A 112 -11.50 -15.87 9.49
CA ASP A 112 -12.40 -16.69 8.62
C ASP A 112 -13.86 -16.26 8.56
N LYS A 113 -14.37 -15.54 9.57
CA LYS A 113 -15.83 -15.16 9.60
C LYS A 113 -16.03 -13.78 9.00
N ASP A 114 -16.93 -13.69 8.06
CA ASP A 114 -17.22 -12.41 7.41
C ASP A 114 -17.94 -11.39 8.28
N THR A 115 -18.42 -11.80 9.47
CA THR A 115 -18.87 -10.86 10.52
C THR A 115 -17.77 -10.27 11.38
N PHE A 116 -16.53 -10.80 11.26
CA PHE A 116 -15.38 -10.30 12.03
C PHE A 116 -15.27 -8.80 11.87
N ASP A 117 -15.23 -8.09 13.00
CA ASP A 117 -15.43 -6.65 13.02
C ASP A 117 -14.20 -5.88 13.44
N GLN A 118 -13.05 -6.49 13.26
CA GLN A 118 -11.79 -5.83 13.55
C GLN A 118 -10.84 -6.14 12.40
N SER A 119 -9.77 -5.37 12.40
CA SER A 119 -8.66 -5.59 11.43
C SER A 119 -7.83 -6.81 11.82
N ALA A 120 -7.18 -7.38 10.83
CA ALA A 120 -6.07 -8.32 11.06
C ALA A 120 -4.86 -7.60 11.66
N GLN A 121 -4.55 -6.41 11.16
CA GLN A 121 -3.40 -5.66 11.64
C GLN A 121 -3.75 -4.20 11.77
N PHE A 122 -3.35 -3.64 12.91
CA PHE A 122 -3.56 -2.22 13.18
C PHE A 122 -2.19 -1.66 13.58
N VAL A 123 -1.78 -0.61 12.86
CA VAL A 123 -0.57 0.10 13.20
C VAL A 123 -0.93 1.49 13.66
N ASP A 124 -0.64 1.79 14.91
CA ASP A 124 -0.94 3.11 15.46
C ASP A 124 0.39 3.80 15.76
N TYR A 125 0.82 4.66 14.84
CA TYR A 125 2.20 5.15 14.85
C TYR A 125 2.34 6.64 15.04
N SER A 126 3.13 7.00 16.01
CA SER A 126 3.64 8.35 16.17
C SER A 126 5.14 8.19 15.99
N GLY A 127 5.77 9.17 15.36
CA GLY A 127 7.21 9.12 15.14
C GLY A 127 7.59 9.96 13.96
N LYS A 128 8.89 9.95 13.64
CA LYS A 128 9.41 10.80 12.59
C LYS A 128 10.04 10.08 11.40
N THR A 129 9.77 8.81 11.26
CA THR A 129 10.14 8.08 10.07
C THR A 129 8.94 7.29 9.58
N ASN A 130 9.15 6.42 8.61
CA ASN A 130 8.04 5.73 7.96
C ASN A 130 7.45 4.67 8.88
N ALA A 131 6.13 4.69 9.11
CA ALA A 131 5.52 3.73 10.06
C ALA A 131 5.73 2.27 9.60
N VAL A 132 5.47 2.02 8.34
CA VAL A 132 5.68 0.71 7.76
C VAL A 132 6.53 0.94 6.51
N ASN A 133 7.54 0.10 6.37
CA ASN A 133 8.56 0.26 5.33
C ASN A 133 8.82 -1.11 4.71
N ILE A 134 8.48 -1.28 3.45
CA ILE A 134 8.58 -2.60 2.77
C ILE A 134 9.55 -2.46 1.63
N VAL A 135 10.60 -3.28 1.66
CA VAL A 135 11.65 -3.23 0.65
C VAL A 135 11.82 -4.58 -0.06
N MET A 136 11.65 -4.62 -1.37
CA MET A 136 12.07 -5.75 -2.16
C MET A 136 13.49 -5.46 -2.72
N ARG A 137 14.48 -6.23 -2.27
CA ARG A 137 15.88 -6.07 -2.69
C ARG A 137 16.12 -6.58 -4.09
N GLN A 138 17.28 -6.20 -4.64
CA GLN A 138 17.58 -6.53 -6.02
C GLN A 138 17.78 -8.01 -6.17
N PRO A 139 16.96 -8.69 -6.99
CA PRO A 139 17.23 -10.12 -7.24
C PRO A 139 18.42 -10.29 -8.22
N SER A 140 19.03 -11.46 -8.24
CA SER A 140 20.04 -11.73 -9.28
C SER A 140 19.47 -11.68 -10.67
N ALA A 141 18.24 -12.13 -10.83
CA ALA A 141 17.56 -12.13 -12.12
C ALA A 141 16.18 -11.52 -11.94
N PRO A 142 15.83 -10.52 -12.76
CA PRO A 142 14.49 -9.93 -12.67
C PRO A 142 13.37 -10.97 -12.78
N ASN A 143 12.27 -10.74 -12.09
CA ASN A 143 11.16 -11.69 -12.05
C ASN A 143 9.87 -10.92 -11.76
N PHE A 144 8.73 -11.57 -12.00
CA PHE A 144 7.46 -10.89 -11.73
C PHE A 144 7.03 -11.08 -10.28
N SER A 145 7.35 -10.09 -9.46
CA SER A 145 7.02 -10.08 -8.04
C SER A 145 7.13 -8.67 -7.54
N SER A 146 6.37 -8.38 -6.48
CA SER A 146 6.17 -7.03 -5.95
C SER A 146 6.54 -6.96 -4.50
N ALA A 147 6.75 -5.75 -4.02
CA ALA A 147 6.91 -5.51 -2.61
C ALA A 147 5.57 -5.72 -1.89
N LEU A 148 4.47 -5.29 -2.52
CA LEU A 148 3.17 -5.30 -1.89
C LEU A 148 2.13 -5.64 -2.92
N ASN A 149 1.31 -6.65 -2.64
CA ASN A 149 0.18 -7.05 -3.50
C ASN A 149 -1.11 -6.96 -2.66
N ILE A 150 -2.08 -6.29 -3.25
CA ILE A 150 -3.38 -6.08 -2.60
C ILE A 150 -4.46 -6.65 -3.53
N THR A 151 -5.37 -7.42 -2.98
CA THR A 151 -6.51 -8.02 -3.73
C THR A 151 -7.74 -8.05 -2.86
N SER A 152 -8.86 -7.58 -3.40
CA SER A 152 -10.16 -7.69 -2.73
C SER A 152 -11.19 -8.29 -3.67
N ALA A 153 -12.04 -9.12 -3.10
CA ALA A 153 -13.16 -9.68 -3.83
C ALA A 153 -14.49 -9.06 -3.28
N ASN A 154 -14.38 -7.98 -2.50
CA ASN A 154 -15.53 -7.25 -1.98
C ASN A 154 -15.93 -6.12 -2.92
N GLU A 155 -17.05 -6.31 -3.62
CA GLU A 155 -17.54 -5.32 -4.56
C GLU A 155 -18.07 -4.06 -3.93
N GLY A 156 -18.37 -4.06 -2.63
CA GLY A 156 -18.97 -2.89 -1.99
C GLY A 156 -18.00 -1.86 -1.48
N GLY A 157 -16.68 -2.13 -1.59
CA GLY A 157 -15.67 -1.30 -0.97
C GLY A 157 -14.46 -1.18 -1.86
N SER A 158 -13.80 -0.03 -1.73
CA SER A 158 -12.50 0.13 -2.40
C SER A 158 -11.47 -0.84 -1.82
N ALA A 159 -10.77 -1.55 -2.68
CA ALA A 159 -9.71 -2.45 -2.25
C ALA A 159 -8.68 -1.75 -1.35
N MET A 160 -8.39 -0.48 -1.66
CA MET A 160 -7.47 0.31 -0.88
C MET A 160 -7.92 1.74 -0.77
N GLN A 161 -7.60 2.33 0.38
CA GLN A 161 -7.91 3.71 0.67
C GLN A 161 -6.68 4.42 1.18
N ILE A 162 -6.51 5.67 0.77
CA ILE A 162 -5.44 6.50 1.31
C ILE A 162 -5.97 7.87 1.60
N ARG A 163 -5.59 8.45 2.74
CA ARG A 163 -6.01 9.80 3.10
C ARG A 163 -4.85 10.58 3.76
N GLY A 164 -4.41 11.68 3.14
CA GLY A 164 -3.32 12.48 3.69
C GLY A 164 -3.70 13.97 3.78
N VAL A 165 -2.87 14.73 4.47
CA VAL A 165 -3.10 16.15 4.73
C VAL A 165 -1.87 16.99 4.37
N GLU A 166 -1.26 16.66 3.24
CA GLU A 166 0.01 17.25 2.83
C GLU A 166 -0.18 18.73 2.55
N LYS A 167 0.75 19.55 3.04
CA LYS A 167 0.76 20.96 2.71
C LYS A 167 1.13 21.14 1.24
N ALA A 168 2.24 20.53 0.83
CA ALA A 168 2.91 20.85 -0.43
C ALA A 168 3.45 19.61 -1.15
N LEU A 169 2.72 18.49 -1.08
CA LEU A 169 3.21 17.22 -1.57
C LEU A 169 2.02 16.38 -1.98
N GLY A 170 2.30 15.28 -2.65
CA GLY A 170 1.23 14.35 -3.01
C GLY A 170 0.84 13.45 -1.85
N THR A 171 -0.45 13.12 -1.75
CA THR A 171 -0.90 12.14 -0.76
C THR A 171 -0.30 10.79 -1.06
N LEU A 172 -0.29 10.41 -2.34
CA LEU A 172 0.48 9.27 -2.80
C LEU A 172 1.54 9.81 -3.73
N LYS A 173 2.79 9.47 -3.44
CA LYS A 173 3.93 9.84 -4.28
C LYS A 173 4.48 8.58 -4.92
N ILE A 174 4.48 8.54 -6.24
CA ILE A 174 5.06 7.43 -6.96
C ILE A 174 6.22 7.94 -7.78
N THR A 175 7.35 7.30 -7.63
CA THR A 175 8.53 7.54 -8.46
C THR A 175 8.87 6.29 -9.24
N HIS A 176 8.97 6.44 -10.56
CA HIS A 176 9.65 5.46 -11.40
C HIS A 176 11.08 5.93 -11.66
N GLU A 177 12.04 5.04 -11.46
CA GLU A 177 13.45 5.30 -11.64
C GLU A 177 13.98 4.30 -12.68
N ASN A 178 14.63 4.80 -13.74
CA ASN A 178 15.23 3.91 -14.76
C ASN A 178 16.17 2.92 -14.04
N PRO A 179 15.99 1.61 -14.25
CA PRO A 179 16.92 0.64 -13.63
C PRO A 179 18.27 0.59 -14.30
N ASN A 180 18.39 1.18 -15.49
CA ASN A 180 19.58 1.12 -16.33
C ASN A 180 20.12 2.51 -16.58
N VAL A 181 21.42 2.56 -16.91
CA VAL A 181 22.06 3.83 -17.26
C VAL A 181 21.58 4.39 -18.62
N GLU A 182 21.20 3.51 -19.55
CA GLU A 182 20.80 3.94 -20.92
C GLU A 182 19.40 4.55 -20.90
N ALA A 183 19.30 5.73 -21.49
CA ALA A 183 18.14 6.58 -21.43
C ALA A 183 16.87 5.97 -21.97
N LYS A 184 16.97 5.10 -22.98
CA LYS A 184 15.78 4.50 -23.59
C LYS A 184 15.51 3.04 -23.20
N TYR A 185 16.11 2.57 -22.11
CA TYR A 185 15.88 1.21 -21.67
C TYR A 185 14.48 1.00 -21.09
N ASP A 186 13.97 2.02 -20.41
CA ASP A 186 12.68 1.97 -19.72
C ASP A 186 11.53 2.57 -20.48
N GLU A 187 11.64 2.64 -21.80
CA GLU A 187 10.63 3.32 -22.66
C GLU A 187 9.20 2.68 -22.58
N ASN A 188 9.09 1.43 -22.21
CA ASN A 188 7.78 0.82 -21.98
C ASN A 188 7.24 0.94 -20.55
N ALA A 189 8.03 1.50 -19.65
CA ALA A 189 7.62 1.57 -18.25
C ALA A 189 6.75 2.79 -18.03
N ALA A 190 6.06 2.76 -16.88
CA ALA A 190 5.26 3.88 -16.39
C ALA A 190 5.36 3.98 -14.87
N ALA A 191 5.07 5.16 -14.31
CA ALA A 191 4.93 5.25 -12.87
C ALA A 191 3.61 4.58 -12.41
N LEU A 192 2.54 4.79 -13.15
CA LEU A 192 1.25 4.21 -12.87
C LEU A 192 0.66 3.52 -14.08
N SER A 193 0.25 2.26 -13.93
CA SER A 193 -0.35 1.48 -14.99
C SER A 193 -1.72 1.03 -14.55
N ILE A 194 -2.74 1.31 -15.34
CA ILE A 194 -4.11 0.95 -14.98
C ILE A 194 -4.70 -0.01 -16.02
N ASP A 195 -5.32 -1.08 -15.55
CA ASP A 195 -6.08 -1.95 -16.42
C ASP A 195 -7.54 -2.11 -15.90
N ILE A 196 -8.42 -2.40 -16.84
CA ILE A 196 -9.86 -2.42 -16.63
C ILE A 196 -10.35 -3.67 -17.36
N VAL A 197 -10.75 -4.68 -16.63
CA VAL A 197 -11.04 -5.97 -17.23
C VAL A 197 -12.43 -6.45 -16.83
N LYS A 198 -12.95 -7.29 -17.71
CA LYS A 198 -14.19 -8.00 -17.47
C LYS A 198 -13.90 -9.12 -16.45
N LYS A 199 -14.99 -9.63 -15.87
CA LYS A 199 -14.93 -10.74 -14.95
C LYS A 199 -14.22 -11.94 -15.64
N GLN A 200 -13.22 -12.50 -14.95
CA GLN A 200 -12.38 -13.57 -15.52
C GLN A 200 -13.20 -14.81 -15.89
N LYS A 201 -14.18 -15.16 -15.07
CA LYS A 201 -15.04 -16.33 -15.30
C LYS A 201 -16.32 -15.89 -16.01
N GLY A 202 -16.28 -15.97 -17.34
CA GLY A 202 -17.48 -15.80 -18.15
C GLY A 202 -18.00 -14.39 -18.31
N GLY A 203 -17.17 -13.38 -18.07
CA GLY A 203 -17.64 -11.99 -18.14
C GLY A 203 -17.87 -11.56 -19.59
N LYS A 204 -18.89 -10.73 -19.78
CA LYS A 204 -19.33 -10.29 -21.11
C LYS A 204 -18.79 -8.91 -21.49
N GLY A 205 -18.02 -8.26 -20.61
CA GLY A 205 -17.50 -6.91 -20.83
C GLY A 205 -17.45 -6.12 -19.52
N THR A 206 -17.17 -4.84 -19.64
CA THR A 206 -17.08 -3.92 -18.53
C THR A 206 -17.34 -2.51 -19.06
N ALA A 207 -17.88 -1.66 -18.20
CA ALA A 207 -18.07 -0.27 -18.46
C ALA A 207 -17.32 0.60 -17.46
N ALA A 208 -16.35 0.05 -16.78
CA ALA A 208 -15.69 0.77 -15.68
C ALA A 208 -14.77 1.83 -16.25
N GLN A 209 -14.58 2.88 -15.49
CA GLN A 209 -13.72 4.00 -15.83
C GLN A 209 -12.26 3.82 -15.36
N GLY A 210 -11.35 4.56 -15.97
CA GLY A 210 -9.92 4.46 -15.63
C GLY A 210 -9.62 5.28 -14.40
N ILE A 211 -9.62 6.59 -14.55
CA ILE A 211 -9.34 7.51 -13.47
C ILE A 211 -10.55 8.44 -13.32
N TYR A 212 -11.03 8.54 -12.08
CA TYR A 212 -12.13 9.41 -11.72
C TYR A 212 -11.54 10.41 -10.74
N ILE A 213 -11.48 11.67 -11.11
CA ILE A 213 -11.04 12.74 -10.21
C ILE A 213 -12.24 13.62 -9.85
N ASN A 214 -12.39 13.96 -8.57
CA ASN A 214 -13.42 14.89 -8.13
C ASN A 214 -12.88 15.77 -7.02
N SER A 215 -13.55 16.88 -6.74
CA SER A 215 -13.40 17.60 -5.48
C SER A 215 -14.81 17.81 -4.91
N THR A 216 -15.23 16.99 -3.95
CA THR A 216 -16.57 17.09 -3.45
C THR A 216 -16.83 18.45 -2.78
N SER A 217 -15.85 19.01 -2.04
CA SER A 217 -16.02 20.41 -1.54
C SER A 217 -15.73 21.52 -2.58
N GLY A 218 -14.96 21.25 -3.62
CA GLY A 218 -14.61 22.24 -4.66
C GLY A 218 -13.20 22.74 -4.51
N THR A 219 -12.38 22.69 -5.57
CA THR A 219 -10.99 23.14 -5.47
C THR A 219 -10.70 24.25 -6.46
N ALA A 220 -9.86 25.20 -6.04
CA ALA A 220 -9.27 26.19 -6.93
C ALA A 220 -8.07 25.66 -7.72
N GLY A 221 -7.57 24.45 -7.39
CA GLY A 221 -6.36 23.96 -8.04
C GLY A 221 -6.58 23.32 -9.39
N LYS A 222 -5.48 23.08 -10.09
CA LYS A 222 -5.55 22.32 -11.34
C LYS A 222 -5.96 20.87 -11.08
N MET A 223 -6.83 20.33 -11.90
CA MET A 223 -7.27 18.94 -11.72
C MET A 223 -6.20 17.98 -12.19
N LEU A 224 -5.50 18.36 -13.25
CA LEU A 224 -4.43 17.52 -13.81
C LEU A 224 -3.34 18.46 -14.24
N ARG A 225 -2.14 18.23 -13.72
CA ARG A 225 -0.98 19.06 -14.04
C ARG A 225 0.17 18.18 -14.48
N ILE A 226 0.70 18.46 -15.67
CA ILE A 226 1.79 17.69 -16.21
C ILE A 226 2.97 18.59 -16.52
N ARG A 227 4.15 18.16 -16.08
CA ARG A 227 5.41 18.83 -16.30
C ARG A 227 6.47 17.88 -16.77
N ASN A 228 7.48 18.42 -17.42
CA ASN A 228 8.66 17.65 -17.83
C ASN A 228 9.86 18.53 -17.64
N LYS A 229 10.90 18.04 -16.95
CA LYS A 229 12.01 18.91 -16.50
C LYS A 229 11.52 20.13 -15.71
N ASN A 230 10.51 19.94 -14.86
CA ASN A 230 9.94 21.02 -14.01
C ASN A 230 9.12 22.11 -14.71
N GLU A 231 9.00 22.04 -16.04
CA GLU A 231 8.33 23.07 -16.84
C GLU A 231 6.94 22.57 -17.23
N ASP A 232 5.94 23.42 -17.04
CA ASP A 232 4.57 23.06 -17.38
C ASP A 232 4.37 22.74 -18.85
N LYS A 233 3.76 21.60 -19.14
CA LYS A 233 3.46 21.14 -20.50
C LYS A 233 1.99 21.04 -20.84
N PHE A 234 1.16 20.67 -19.87
CA PHE A 234 -0.24 20.41 -20.10
C PHE A 234 -0.94 20.48 -18.77
N TYR A 235 -2.11 21.09 -18.76
CA TYR A 235 -2.94 21.03 -17.56
C TYR A 235 -4.42 21.09 -17.88
N VAL A 236 -5.23 20.53 -16.97
CA VAL A 236 -6.65 20.75 -16.92
C VAL A 236 -7.01 21.55 -15.68
N GLY A 237 -7.67 22.69 -15.86
CA GLY A 237 -7.88 23.63 -14.77
C GLY A 237 -9.15 23.25 -14.03
N PRO A 238 -9.43 23.95 -12.93
CA PRO A 238 -10.60 23.70 -12.08
C PRO A 238 -11.95 23.84 -12.80
N ASP A 239 -11.97 24.66 -13.85
CA ASP A 239 -13.15 24.84 -14.71
C ASP A 239 -13.27 23.80 -15.84
N GLY A 240 -12.28 22.93 -16.00
CA GLY A 240 -12.33 21.92 -17.07
C GLY A 240 -11.64 22.34 -18.33
N GLY A 241 -11.20 23.60 -18.39
CA GLY A 241 -10.49 24.10 -19.58
C GLY A 241 -9.10 23.47 -19.56
N PHE A 242 -8.55 23.20 -20.74
CA PHE A 242 -7.18 22.67 -20.79
C PHE A 242 -6.23 23.62 -21.49
N HIS A 243 -4.96 23.47 -21.17
CA HIS A 243 -3.88 24.17 -21.86
C HIS A 243 -2.87 23.13 -22.28
N SER A 244 -2.56 23.06 -23.57
CA SER A 244 -1.57 22.14 -24.11
C SER A 244 -0.42 22.97 -24.65
N GLY A 245 0.80 22.51 -24.43
CA GLY A 245 2.01 23.34 -24.70
C GLY A 245 2.69 23.09 -26.02
N ALA A 246 2.03 22.37 -26.95
CA ALA A 246 2.64 22.09 -28.25
C ALA A 246 1.62 21.58 -29.28
N ASN A 247 2.04 21.50 -30.54
CA ASN A 247 1.20 20.99 -31.63
C ASN A 247 0.46 19.71 -31.20
N SER A 248 -0.81 19.66 -31.56
CA SER A 248 -1.73 18.62 -31.10
C SER A 248 -2.65 18.23 -32.22
N THR A 249 -3.40 17.16 -32.07
CA THR A 249 -4.19 16.58 -33.14
C THR A 249 -5.48 16.02 -32.57
N VAL A 250 -6.58 16.25 -33.27
CA VAL A 250 -7.80 15.48 -33.10
C VAL A 250 -8.07 14.68 -34.36
N ALA A 251 -8.18 13.36 -34.22
CA ALA A 251 -8.59 12.48 -35.32
C ALA A 251 -10.11 12.43 -35.35
N GLY A 252 -10.69 13.54 -35.78
CA GLY A 252 -12.13 13.78 -35.72
C GLY A 252 -12.39 15.27 -35.73
N ASN A 253 -13.66 15.60 -35.61
CA ASN A 253 -14.06 16.99 -35.55
C ASN A 253 -13.90 17.51 -34.14
N LEU A 254 -13.67 18.81 -34.03
CA LEU A 254 -13.65 19.48 -32.75
C LEU A 254 -14.77 20.50 -32.77
N THR A 255 -15.73 20.34 -31.89
CA THR A 255 -16.79 21.31 -31.74
C THR A 255 -16.32 22.39 -30.78
N VAL A 256 -16.54 23.65 -31.12
CA VAL A 256 -16.16 24.81 -30.29
C VAL A 256 -17.24 25.88 -30.36
N LYS A 257 -17.09 26.92 -29.53
CA LYS A 257 -17.89 28.11 -29.62
C LYS A 257 -17.38 28.99 -30.79
N ASP A 258 -18.29 29.78 -31.37
CA ASP A 258 -17.92 30.80 -32.36
C ASP A 258 -16.87 31.75 -31.75
N PRO A 259 -15.83 32.08 -32.56
CA PRO A 259 -14.71 32.89 -32.07
C PRO A 259 -15.12 34.32 -31.85
N THR A 260 -14.56 34.95 -30.84
CA THR A 260 -14.70 36.38 -30.64
C THR A 260 -13.37 37.07 -30.39
N SER A 261 -12.26 36.40 -30.72
CA SER A 261 -10.91 36.98 -30.61
C SER A 261 -10.06 36.37 -31.71
N GLY A 262 -9.01 37.08 -32.11
CA GLY A 262 -8.20 36.74 -33.27
C GLY A 262 -7.69 35.32 -33.37
N LYS A 263 -7.21 34.77 -32.25
CA LYS A 263 -6.62 33.43 -32.23
C LYS A 263 -7.59 32.33 -31.76
N HIS A 264 -8.84 32.66 -31.46
CA HIS A 264 -9.87 31.64 -31.31
C HIS A 264 -10.06 30.87 -32.61
N ALA A 265 -10.17 29.56 -32.52
CA ALA A 265 -10.49 28.73 -33.66
C ALA A 265 -11.84 29.14 -34.28
N ALA A 266 -11.89 29.17 -35.60
CA ALA A 266 -13.10 29.59 -36.27
C ALA A 266 -13.99 28.36 -36.46
N THR A 267 -15.29 28.58 -36.31
CA THR A 267 -16.29 27.56 -36.62
C THR A 267 -16.67 27.57 -38.09
N LYS A 268 -17.30 26.49 -38.53
CA LYS A 268 -17.88 26.43 -39.87
C LYS A 268 -18.90 27.56 -40.03
N ASP A 269 -19.77 27.76 -39.05
CA ASP A 269 -20.71 28.89 -39.10
C ASP A 269 -20.01 30.21 -39.29
N TYR A 270 -18.92 30.48 -38.58
CA TYR A 270 -18.22 31.74 -38.73
C TYR A 270 -17.69 31.90 -40.13
N VAL A 271 -17.03 30.86 -40.64
CA VAL A 271 -16.52 30.93 -42.01
C VAL A 271 -17.67 31.23 -43.01
N ASP A 272 -18.76 30.47 -42.91
CA ASP A 272 -19.88 30.56 -43.85
C ASP A 272 -20.58 31.91 -43.79
N GLU A 273 -20.77 32.43 -42.60
CA GLU A 273 -21.37 33.75 -42.45
C GLU A 273 -20.49 34.87 -43.03
N LYS A 274 -19.18 34.78 -42.84
CA LYS A 274 -18.26 35.77 -43.38
C LYS A 274 -18.28 35.70 -44.90
N ILE A 275 -18.29 34.48 -45.44
CA ILE A 275 -18.34 34.26 -46.88
C ILE A 275 -19.63 34.85 -47.45
N ALA A 276 -20.75 34.55 -46.82
CA ALA A 276 -22.04 35.10 -47.22
C ALA A 276 -22.10 36.64 -47.15
N GLU A 277 -21.49 37.27 -46.14
CA GLU A 277 -21.49 38.76 -46.04
C GLU A 277 -20.72 39.39 -47.22
N LEU A 278 -19.54 38.84 -47.51
CA LEU A 278 -18.74 39.34 -48.60
C LEU A 278 -19.50 39.19 -49.91
N LYS A 279 -20.05 37.99 -50.15
CA LYS A 279 -20.89 37.71 -51.32
C LYS A 279 -21.97 38.77 -51.54
N LYS A 280 -22.73 39.04 -50.48
CA LYS A 280 -23.82 39.99 -50.55
C LYS A 280 -23.30 41.38 -50.97
N LEU A 281 -22.24 41.85 -50.32
CA LEU A 281 -21.66 43.13 -50.62
C LEU A 281 -21.14 43.23 -52.07
N ILE A 282 -20.53 42.15 -52.55
CA ILE A 282 -19.99 42.13 -53.90
C ILE A 282 -21.07 42.07 -54.94
N LEU A 283 -22.06 41.20 -54.77
CA LEU A 283 -23.19 41.14 -55.68
C LEU A 283 -23.94 42.45 -55.75
N LYS A 284 -23.99 43.19 -54.66
CA LYS A 284 -24.63 44.48 -54.63
C LYS A 284 -23.83 45.48 -55.51
N LYS A 285 -22.52 45.50 -55.33
CA LYS A 285 -21.67 46.38 -56.13
C LYS A 285 -21.66 46.00 -57.62
N LEU A 286 -21.84 44.73 -57.91
CA LEU A 286 -21.87 44.23 -59.28
C LEU A 286 -23.16 44.62 -60.02
N GLU A 287 -24.31 44.36 -59.40
CA GLU A 287 -25.62 44.71 -59.95
C GLU A 287 -25.79 46.20 -60.33
N HIS A 288 -25.06 47.12 -59.68
CA HIS A 288 -25.18 48.56 -60.09
C HIS A 288 -23.91 49.40 -60.11
N HIS A 289 -22.88 48.83 -60.68
CA HIS A 289 -21.68 49.64 -61.07
C HIS A 289 -22.01 50.26 -62.43
N HIS A 290 -21.47 51.46 -62.68
CA HIS A 290 -21.52 52.13 -63.98
C HIS A 290 -20.09 52.51 -64.39
N HIS A 291 -19.85 52.63 -65.70
CA HIS A 291 -18.54 53.02 -66.26
C HIS A 291 -18.49 54.51 -66.69
N LYS B 17 28.59 -51.74 70.97
CA LYS B 17 27.46 -50.82 71.27
C LYS B 17 27.96 -49.52 71.95
N GLU B 18 27.14 -48.90 72.82
CA GLU B 18 27.49 -47.69 73.61
C GLU B 18 27.56 -46.33 72.82
N GLU B 19 28.58 -46.13 71.98
CA GLU B 19 28.73 -44.84 71.23
C GLU B 19 28.56 -44.97 69.74
N THR B 20 27.30 -45.22 69.41
CA THR B 20 26.72 -45.10 68.07
C THR B 20 25.61 -44.00 68.07
N ASN B 21 25.33 -43.42 69.25
CA ASN B 21 24.53 -42.17 69.36
C ASN B 21 25.12 -40.97 68.60
N SER B 22 26.42 -40.99 68.30
CA SER B 22 27.03 -40.01 67.39
C SER B 22 26.59 -40.27 65.94
N LYS B 23 26.68 -41.54 65.50
CA LYS B 23 26.23 -41.96 64.16
C LYS B 23 24.74 -41.71 63.91
N ILE B 24 23.91 -41.93 64.91
CA ILE B 24 22.48 -41.57 64.85
C ILE B 24 22.26 -40.04 64.71
N THR B 25 23.05 -39.25 65.43
CA THR B 25 22.95 -37.78 65.37
C THR B 25 23.48 -37.24 64.03
N LYS B 26 24.44 -37.92 63.42
CA LYS B 26 24.92 -37.58 62.07
C LYS B 26 23.85 -37.83 60.99
N LEU B 27 23.11 -38.93 61.10
CA LEU B 27 21.95 -39.19 60.25
C LEU B 27 20.81 -38.16 60.46
N GLU B 28 20.47 -37.86 61.70
CA GLU B 28 19.47 -36.83 62.01
C GLU B 28 19.87 -35.44 61.47
N SER B 29 21.18 -35.20 61.39
CA SER B 29 21.75 -33.96 60.87
C SER B 29 21.87 -33.95 59.32
N SER B 30 22.40 -35.02 58.73
CA SER B 30 22.77 -35.08 57.32
C SER B 30 21.67 -35.54 56.32
N LYS B 31 20.62 -36.22 56.82
CA LYS B 31 19.54 -36.75 55.95
C LYS B 31 18.34 -35.83 55.87
N ALA B 32 17.73 -35.80 54.68
CA ALA B 32 16.62 -34.91 54.42
C ALA B 32 15.34 -35.47 55.02
N ASP B 33 14.56 -34.57 55.62
CA ASP B 33 13.24 -34.88 56.16
C ASP B 33 12.21 -35.00 55.05
N LYS B 34 11.26 -35.92 55.18
CA LYS B 34 10.16 -36.09 54.20
C LYS B 34 9.35 -34.81 54.04
N SER B 35 8.94 -34.24 55.17
CA SER B 35 8.16 -33.00 55.19
C SER B 35 8.83 -31.78 54.46
N ALA B 36 10.16 -31.75 54.37
CA ALA B 36 10.91 -30.62 53.82
C ALA B 36 11.34 -30.80 52.33
N VAL B 37 10.85 -31.86 51.66
CA VAL B 37 11.18 -32.10 50.26
C VAL B 37 9.95 -32.62 49.51
N TYR B 38 9.88 -32.29 48.23
CA TYR B 38 8.85 -32.78 47.33
C TYR B 38 9.17 -34.18 46.91
N SER B 39 8.18 -35.06 46.90
CA SER B 39 8.31 -36.35 46.21
C SER B 39 8.47 -36.11 44.72
N LYS B 40 8.88 -37.15 44.01
CA LYS B 40 8.98 -37.15 42.57
C LYS B 40 7.65 -36.77 41.92
N ALA B 41 6.56 -37.29 42.49
CA ALA B 41 5.22 -37.05 41.97
C ALA B 41 4.81 -35.59 42.18
N GLU B 42 5.14 -35.01 43.34
CA GLU B 42 4.86 -33.59 43.57
C GLU B 42 5.68 -32.70 42.58
N SER B 43 6.91 -33.14 42.30
CA SER B 43 7.79 -32.44 41.39
C SER B 43 7.26 -32.46 39.94
N LYS B 44 6.74 -33.62 39.53
CA LYS B 44 6.16 -33.78 38.20
C LYS B 44 4.97 -32.84 38.03
N ILE B 45 4.07 -32.83 39.01
CA ILE B 45 2.94 -31.91 39.06
C ILE B 45 3.38 -30.46 38.85
N GLU B 46 4.42 -30.02 39.56
CA GLU B 46 4.89 -28.64 39.47
C GLU B 46 5.61 -28.35 38.14
N LEU B 47 6.38 -29.31 37.66
CA LEU B 47 7.02 -29.20 36.34
C LEU B 47 6.04 -29.21 35.14
N ASP B 48 4.98 -30.00 35.23
CA ASP B 48 3.93 -30.04 34.20
C ASP B 48 3.14 -28.74 34.06
N LYS B 49 3.19 -27.88 35.07
CA LYS B 49 2.65 -26.53 34.99
C LYS B 49 3.54 -25.55 34.20
N LYS B 50 4.78 -25.96 33.86
CA LYS B 50 5.73 -25.08 33.18
C LYS B 50 5.95 -25.49 31.75
N LEU B 51 6.30 -24.50 30.92
CA LEU B 51 6.49 -24.70 29.50
C LEU B 51 7.79 -25.42 29.17
N SER B 52 7.66 -26.55 28.50
CA SER B 52 8.82 -27.24 27.94
C SER B 52 9.35 -26.53 26.69
N LEU B 53 10.68 -26.39 26.62
CA LEU B 53 11.34 -25.87 25.40
C LEU B 53 10.99 -26.64 24.13
N THR B 54 10.56 -27.90 24.26
CA THR B 54 10.09 -28.67 23.09
C THR B 54 8.67 -28.34 22.59
N GLY B 55 7.94 -27.47 23.29
CA GLY B 55 6.60 -27.08 22.93
C GLY B 55 5.58 -27.23 23.99
N GLY B 56 4.47 -26.54 23.83
CA GLY B 56 3.34 -26.65 24.77
C GLY B 56 2.34 -25.56 24.47
N ILE B 57 1.30 -25.54 25.29
CA ILE B 57 0.15 -24.68 25.11
C ILE B 57 0.13 -23.67 26.24
N VAL B 58 0.28 -22.39 25.92
CA VAL B 58 0.10 -21.33 26.88
C VAL B 58 -1.34 -20.83 26.84
N THR B 59 -1.99 -20.74 28.00
CA THR B 59 -3.40 -20.35 28.11
C THR B 59 -3.61 -18.97 28.75
N GLY B 60 -2.55 -18.30 29.20
CA GLY B 60 -2.69 -16.91 29.69
C GLY B 60 -1.87 -15.95 28.85
N GLN B 61 -1.71 -14.74 29.35
CA GLN B 61 -0.94 -13.73 28.68
C GLN B 61 0.54 -14.00 28.87
N LEU B 62 1.31 -13.99 27.80
CA LEU B 62 2.77 -13.98 27.89
C LEU B 62 3.25 -12.56 27.69
N GLN B 63 3.85 -11.98 28.72
CA GLN B 63 4.31 -10.58 28.68
C GLN B 63 5.82 -10.50 28.51
N PHE B 64 6.32 -9.65 27.61
CA PHE B 64 7.78 -9.45 27.47
C PHE B 64 8.09 -8.06 28.01
N LYS B 65 9.00 -7.94 28.97
CA LYS B 65 9.38 -6.62 29.54
C LYS B 65 10.89 -6.58 29.69
N PRO B 66 11.59 -6.57 28.57
CA PRO B 66 13.02 -6.48 28.64
C PRO B 66 13.45 -5.13 29.24
N ASN B 67 14.54 -5.17 30.00
CA ASN B 67 15.02 -4.00 30.75
C ASN B 67 16.48 -4.26 31.00
N LYS B 68 17.33 -3.58 30.24
CA LYS B 68 18.77 -3.82 30.23
C LYS B 68 19.03 -5.33 30.10
N SER B 69 18.45 -5.91 29.05
CA SER B 69 18.49 -7.35 28.78
C SER B 69 19.25 -7.74 27.48
N GLY B 70 20.02 -6.79 26.89
CA GLY B 70 20.79 -7.04 25.67
C GLY B 70 20.00 -7.35 24.40
N ILE B 71 18.76 -6.88 24.35
CA ILE B 71 17.94 -7.02 23.13
C ILE B 71 18.50 -6.16 21.99
N LYS B 72 18.63 -6.76 20.83
CA LYS B 72 19.27 -6.09 19.69
C LYS B 72 18.27 -5.67 18.59
N PRO B 73 18.66 -4.68 17.76
CA PRO B 73 17.85 -4.30 16.59
C PRO B 73 18.08 -5.19 15.36
N SER B 74 19.09 -6.03 15.38
CA SER B 74 19.47 -6.85 14.22
C SER B 74 18.26 -7.54 13.58
N SER B 75 18.17 -7.38 12.28
CA SER B 75 17.15 -7.98 11.46
C SER B 75 17.40 -9.46 11.23
N SER B 76 18.50 -10.04 11.75
CA SER B 76 18.65 -11.50 11.77
C SER B 76 18.56 -12.12 13.17
N VAL B 77 19.26 -11.55 14.15
CA VAL B 77 19.36 -12.16 15.49
C VAL B 77 18.69 -11.34 16.59
N GLY B 78 18.09 -10.21 16.28
CA GLY B 78 17.53 -9.36 17.34
C GLY B 78 16.18 -9.84 17.88
N GLY B 79 15.61 -8.94 18.67
CA GLY B 79 14.20 -9.01 19.03
C GLY B 79 14.08 -9.58 20.39
N ALA B 80 13.08 -9.14 21.12
CA ALA B 80 12.73 -9.81 22.37
C ALA B 80 12.26 -11.22 22.06
N ILE B 81 11.58 -11.38 20.96
CA ILE B 81 11.35 -12.64 20.30
C ILE B 81 12.09 -12.63 18.99
N ASN B 82 12.76 -13.75 18.73
CA ASN B 82 13.43 -14.01 17.48
C ASN B 82 13.00 -15.37 17.00
N ILE B 83 12.57 -15.47 15.78
CA ILE B 83 12.23 -16.73 15.15
C ILE B 83 13.14 -16.85 13.92
N ASP B 84 13.98 -17.87 13.90
CA ASP B 84 14.79 -18.19 12.77
C ASP B 84 14.24 -19.46 12.11
N MET B 85 13.78 -19.36 10.86
CA MET B 85 13.22 -20.53 10.17
C MET B 85 14.17 -21.14 9.20
N SER B 86 15.45 -20.74 9.25
CA SER B 86 16.46 -21.21 8.29
C SER B 86 16.56 -22.72 8.16
N LYS B 87 16.37 -23.43 9.28
CA LYS B 87 16.54 -24.90 9.32
C LYS B 87 15.24 -25.67 9.47
N SER B 88 14.12 -25.04 9.14
CA SER B 88 12.84 -25.65 9.34
C SER B 88 11.85 -25.28 8.24
N GLU B 89 10.99 -26.23 7.92
CA GLU B 89 9.82 -25.98 7.10
C GLU B 89 8.82 -25.11 7.93
N GLY B 90 7.84 -24.54 7.23
CA GLY B 90 6.75 -23.87 7.88
C GLY B 90 6.88 -22.38 8.09
N ALA B 91 5.79 -21.82 8.58
CA ALA B 91 5.71 -20.41 8.88
C ALA B 91 6.42 -20.13 10.20
N ALA B 92 6.90 -18.92 10.33
CA ALA B 92 7.41 -18.47 11.62
C ALA B 92 6.27 -18.24 12.62
N MET B 93 5.24 -17.55 12.20
CA MET B 93 4.19 -17.19 13.10
C MET B 93 2.84 -17.13 12.42
N VAL B 94 1.87 -17.74 13.11
CA VAL B 94 0.50 -17.77 12.64
C VAL B 94 -0.45 -17.23 13.68
N MET B 95 -1.26 -16.27 13.26
CA MET B 95 -2.29 -15.68 14.12
C MET B 95 -3.60 -15.92 13.39
N TYR B 96 -4.52 -16.59 14.08
CA TYR B 96 -5.70 -17.10 13.43
C TYR B 96 -6.91 -16.85 14.31
N THR B 97 -8.04 -16.52 13.72
CA THR B 97 -9.27 -16.51 14.50
C THR B 97 -10.45 -16.92 13.63
N ASN B 98 -11.37 -17.66 14.23
CA ASN B 98 -12.65 -18.02 13.61
C ASN B 98 -13.76 -17.42 14.43
N LYS B 99 -13.43 -16.39 15.19
CA LYS B 99 -14.39 -15.78 16.07
C LYS B 99 -15.34 -14.92 15.22
N ASP B 100 -16.59 -14.83 15.67
CA ASP B 100 -17.68 -14.11 14.98
C ASP B 100 -17.45 -12.63 15.00
N THR B 101 -17.04 -12.13 16.15
CA THR B 101 -16.86 -10.69 16.44
C THR B 101 -15.83 -10.62 17.54
N THR B 102 -15.17 -9.49 17.75
CA THR B 102 -14.31 -9.36 18.94
C THR B 102 -14.02 -7.90 19.24
N ASP B 103 -13.25 -7.65 20.27
CA ASP B 103 -13.07 -6.30 20.80
C ASP B 103 -11.80 -5.63 20.33
N GLY B 104 -10.98 -6.32 19.53
CA GLY B 104 -9.83 -5.63 18.92
C GLY B 104 -9.09 -6.39 17.88
N PRO B 105 -8.18 -5.72 17.21
CA PRO B 105 -7.48 -6.30 16.05
C PRO B 105 -6.58 -7.43 16.48
N LEU B 106 -6.33 -8.35 15.54
CA LEU B 106 -5.48 -9.50 15.77
C LEU B 106 -4.10 -9.05 16.17
N MET B 107 -3.44 -8.32 15.28
CA MET B 107 -2.10 -7.83 15.60
C MET B 107 -2.08 -6.31 15.71
N ILE B 108 -1.41 -5.78 16.72
CA ILE B 108 -1.29 -4.36 16.91
C ILE B 108 0.17 -3.98 17.09
N LEU B 109 0.60 -2.95 16.34
CA LEU B 109 1.88 -2.26 16.59
C LEU B 109 1.59 -0.84 16.95
N ARG B 110 2.16 -0.36 18.02
CA ARG B 110 1.89 1.00 18.49
C ARG B 110 3.14 1.66 19.06
N SER B 111 3.35 2.88 18.61
CA SER B 111 4.42 3.73 19.13
C SER B 111 3.76 5.05 19.54
N ASP B 112 4.13 5.58 20.69
CA ASP B 112 3.44 6.74 21.30
C ASP B 112 4.16 8.09 21.18
N LYS B 113 5.48 8.10 21.09
CA LYS B 113 6.29 9.33 21.05
C LYS B 113 6.51 9.83 19.65
N ASP B 114 6.22 11.10 19.43
CA ASP B 114 6.40 11.67 18.10
C ASP B 114 7.88 11.88 17.72
N THR B 115 8.78 11.74 18.71
CA THR B 115 10.23 11.68 18.44
C THR B 115 10.73 10.30 18.00
N PHE B 116 9.88 9.27 18.10
CA PHE B 116 10.28 7.90 17.78
C PHE B 116 10.86 7.85 16.39
N ASP B 117 12.07 7.29 16.29
CA ASP B 117 12.89 7.45 15.10
C ASP B 117 13.12 6.13 14.38
N GLN B 118 12.22 5.20 14.59
CA GLN B 118 12.25 3.96 13.85
C GLN B 118 10.83 3.62 13.38
N SER B 119 10.75 2.68 12.45
CA SER B 119 9.49 2.14 11.99
C SER B 119 8.82 1.22 13.01
N ALA B 120 7.52 1.09 12.87
CA ALA B 120 6.79 0.06 13.58
C ALA B 120 7.08 -1.28 12.92
N GLN B 121 7.14 -1.32 11.61
CA GLN B 121 7.39 -2.57 10.90
C GLN B 121 8.31 -2.32 9.72
N PHE B 122 9.29 -3.20 9.59
CA PHE B 122 10.24 -3.19 8.48
C PHE B 122 10.23 -4.57 7.88
N VAL B 123 10.02 -4.67 6.59
CA VAL B 123 10.10 -5.91 5.87
C VAL B 123 11.27 -5.81 4.91
N ASP B 124 12.27 -6.65 5.12
CA ASP B 124 13.47 -6.70 4.26
C ASP B 124 13.42 -8.03 3.48
N TYR B 125 12.96 -7.97 2.26
CA TYR B 125 12.59 -9.17 1.53
C TYR B 125 13.40 -9.35 0.24
N SER B 126 13.98 -10.53 0.14
CA SER B 126 14.50 -11.05 -1.08
C SER B 126 13.67 -12.27 -1.37
N GLY B 127 13.39 -12.52 -2.63
CA GLY B 127 12.58 -13.66 -3.03
C GLY B 127 11.93 -13.41 -4.37
N LYS B 128 11.15 -14.38 -4.83
CA LYS B 128 10.56 -14.33 -6.14
C LYS B 128 9.02 -14.36 -6.14
N THR B 129 8.40 -14.06 -5.02
CA THR B 129 6.99 -13.76 -5.00
C THR B 129 6.76 -12.46 -4.22
N ASN B 130 5.51 -12.18 -3.85
CA ASN B 130 5.18 -10.88 -3.30
C ASN B 130 5.63 -10.81 -1.84
N ALA B 131 6.38 -9.77 -1.47
CA ALA B 131 6.86 -9.63 -0.11
C ALA B 131 5.74 -9.61 0.96
N VAL B 132 4.76 -8.81 0.70
CA VAL B 132 3.61 -8.69 1.58
C VAL B 132 2.38 -8.83 0.67
N ASN B 133 1.45 -9.66 1.11
CA ASN B 133 0.32 -10.06 0.28
C ASN B 133 -0.94 -9.98 1.13
N ILE B 134 -1.81 -9.05 0.81
CA ILE B 134 -3.04 -8.77 1.61
C ILE B 134 -4.24 -9.08 0.77
N VAL B 135 -5.05 -10.00 1.26
CA VAL B 135 -6.20 -10.48 0.54
C VAL B 135 -7.47 -10.30 1.39
N MET B 136 -8.43 -9.58 0.87
CA MET B 136 -9.79 -9.52 1.40
C MET B 136 -10.63 -10.51 0.57
N ARG B 137 -11.09 -11.56 1.23
CA ARG B 137 -11.94 -12.62 0.61
C ARG B 137 -13.33 -12.13 0.36
N GLN B 138 -14.05 -12.88 -0.48
CA GLN B 138 -15.38 -12.49 -0.89
C GLN B 138 -16.31 -12.56 0.34
N PRO B 139 -16.90 -11.43 0.75
CA PRO B 139 -17.84 -11.49 1.86
C PRO B 139 -19.19 -12.08 1.42
N SER B 140 -19.97 -12.56 2.38
CA SER B 140 -21.36 -12.98 2.11
C SER B 140 -22.21 -11.89 1.47
N ALA B 141 -22.01 -10.63 1.87
CA ALA B 141 -22.75 -9.50 1.40
C ALA B 141 -21.74 -8.38 1.18
N PRO B 142 -21.83 -7.68 0.03
CA PRO B 142 -20.98 -6.50 -0.17
C PRO B 142 -21.08 -5.48 0.94
N ASN B 143 -19.97 -4.82 1.26
CA ASN B 143 -19.93 -3.86 2.36
C ASN B 143 -18.79 -2.88 2.13
N PHE B 144 -18.79 -1.76 2.86
CA PHE B 144 -17.72 -0.80 2.72
C PHE B 144 -16.55 -1.15 3.63
N SER B 145 -15.59 -1.86 3.08
CA SER B 145 -14.37 -2.25 3.79
C SER B 145 -13.31 -2.57 2.75
N SER B 146 -12.05 -2.40 3.16
CA SER B 146 -10.89 -2.44 2.24
C SER B 146 -9.91 -3.46 2.73
N ALA B 147 -9.07 -3.92 1.81
CA ALA B 147 -7.90 -4.72 2.16
C ALA B 147 -6.89 -3.88 2.93
N LEU B 148 -6.71 -2.65 2.48
CA LEU B 148 -5.69 -1.79 3.07
C LEU B 148 -6.18 -0.39 3.21
N ASN B 149 -6.10 0.15 4.42
CA ASN B 149 -6.46 1.53 4.73
C ASN B 149 -5.25 2.24 5.32
N ILE B 150 -4.95 3.38 4.72
CA ILE B 150 -3.79 4.19 5.05
C ILE B 150 -4.27 5.60 5.37
N THR B 151 -3.83 6.15 6.49
CA THR B 151 -4.22 7.49 6.94
C THR B 151 -3.04 8.17 7.60
N SER B 152 -2.77 9.40 7.18
CA SER B 152 -1.80 10.25 7.85
C SER B 152 -2.37 11.60 8.17
N ALA B 153 -1.97 12.11 9.31
CA ALA B 153 -2.29 13.47 9.74
C ALA B 153 -0.97 14.28 9.81
N ASN B 154 0.09 13.77 9.17
CA ASN B 154 1.35 14.51 9.04
C ASN B 154 1.37 15.35 7.76
N GLU B 155 1.25 16.66 7.93
CA GLU B 155 1.22 17.54 6.78
C GLU B 155 2.56 17.70 6.06
N GLY B 156 3.67 17.32 6.70
CA GLY B 156 4.98 17.50 6.09
C GLY B 156 5.43 16.41 5.15
N GLY B 157 4.65 15.33 5.01
CA GLY B 157 5.09 14.14 4.29
C GLY B 157 3.96 13.45 3.59
N SER B 158 4.27 12.82 2.46
CA SER B 158 3.29 12.03 1.76
C SER B 158 2.82 10.86 2.61
N ALA B 159 1.51 10.67 2.71
CA ALA B 159 0.96 9.54 3.42
C ALA B 159 1.56 8.20 2.93
N MET B 160 1.79 8.08 1.62
CA MET B 160 2.38 6.88 1.08
C MET B 160 3.37 7.21 -0.05
N GLN B 161 4.43 6.40 -0.11
CA GLN B 161 5.47 6.50 -1.10
C GLN B 161 5.71 5.16 -1.75
N ILE B 162 5.92 5.19 -3.05
CA ILE B 162 6.29 3.99 -3.79
C ILE B 162 7.41 4.35 -4.74
N ARG B 163 8.44 3.53 -4.78
CA ARG B 163 9.51 3.65 -5.77
C ARG B 163 9.78 2.28 -6.39
N GLY B 164 9.82 2.21 -7.71
CA GLY B 164 10.16 0.99 -8.46
C GLY B 164 11.13 1.29 -9.61
N VAL B 165 11.67 0.24 -10.21
CA VAL B 165 12.69 0.34 -11.27
C VAL B 165 12.31 -0.52 -12.48
N GLU B 166 11.03 -0.50 -12.83
CA GLU B 166 10.49 -1.44 -13.79
C GLU B 166 11.09 -1.16 -15.17
N LYS B 167 11.44 -2.22 -15.86
CA LYS B 167 11.91 -2.09 -17.24
C LYS B 167 10.75 -1.72 -18.15
N ALA B 168 9.69 -2.50 -18.09
CA ALA B 168 8.56 -2.41 -19.03
C ALA B 168 7.19 -2.59 -18.30
N LEU B 169 7.02 -1.98 -17.14
CA LEU B 169 5.77 -2.08 -16.40
C LEU B 169 5.54 -0.82 -15.60
N GLY B 170 4.33 -0.68 -15.03
CA GLY B 170 4.07 0.37 -14.09
C GLY B 170 4.66 0.13 -12.70
N THR B 171 5.13 1.19 -12.04
CA THR B 171 5.57 1.07 -10.66
C THR B 171 4.42 0.64 -9.75
N LEU B 172 3.26 1.26 -9.96
CA LEU B 172 2.02 0.85 -9.34
C LEU B 172 1.13 0.33 -10.44
N LYS B 173 0.65 -0.89 -10.27
CA LYS B 173 -0.27 -1.50 -11.25
C LYS B 173 -1.63 -1.66 -10.57
N ILE B 174 -2.66 -1.06 -11.12
CA ILE B 174 -4.00 -1.19 -10.59
C ILE B 174 -4.86 -1.84 -11.64
N THR B 175 -5.53 -2.90 -11.25
CA THR B 175 -6.56 -3.51 -12.10
C THR B 175 -7.92 -3.45 -11.41
N HIS B 176 -8.92 -2.93 -12.11
CA HIS B 176 -10.32 -3.10 -11.77
C HIS B 176 -10.89 -4.24 -12.63
N GLU B 177 -11.58 -5.16 -11.98
CA GLU B 177 -12.20 -6.30 -12.62
C GLU B 177 -13.72 -6.24 -12.32
N ASN B 178 -14.56 -6.33 -13.35
CA ASN B 178 -16.03 -6.35 -13.18
C ASN B 178 -16.37 -7.49 -12.20
N PRO B 179 -17.10 -7.22 -11.10
CA PRO B 179 -17.52 -8.29 -10.20
C PRO B 179 -18.62 -9.17 -10.77
N ASN B 180 -19.28 -8.72 -11.83
CA ASN B 180 -20.45 -9.36 -12.40
C ASN B 180 -20.21 -9.73 -13.84
N VAL B 181 -20.97 -10.72 -14.31
CA VAL B 181 -20.89 -11.11 -15.73
C VAL B 181 -21.43 -10.02 -16.70
N GLU B 182 -22.41 -9.24 -16.26
CA GLU B 182 -23.07 -8.24 -17.12
C GLU B 182 -22.20 -7.03 -17.36
N ALA B 183 -22.05 -6.69 -18.64
CA ALA B 183 -21.08 -5.72 -19.09
C ALA B 183 -21.23 -4.33 -18.50
N LYS B 184 -22.45 -3.91 -18.23
CA LYS B 184 -22.72 -2.56 -17.69
C LYS B 184 -22.83 -2.44 -16.18
N TYR B 185 -22.71 -3.53 -15.46
CA TYR B 185 -22.94 -3.53 -14.01
C TYR B 185 -22.01 -2.57 -13.27
N ASP B 186 -20.76 -2.47 -13.75
CA ASP B 186 -19.72 -1.69 -13.08
C ASP B 186 -19.50 -0.31 -13.69
N GLU B 187 -20.52 0.23 -14.35
CA GLU B 187 -20.43 1.52 -15.06
C GLU B 187 -20.09 2.71 -14.16
N ASN B 188 -20.35 2.63 -12.87
CA ASN B 188 -19.93 3.70 -11.95
C ASN B 188 -18.55 3.49 -11.31
N ALA B 189 -17.92 2.36 -11.59
CA ALA B 189 -16.66 2.03 -10.93
C ALA B 189 -15.51 2.67 -11.67
N ALA B 190 -14.35 2.64 -11.00
CA ALA B 190 -13.08 3.11 -11.59
C ALA B 190 -11.89 2.32 -11.04
N ALA B 191 -10.76 2.31 -11.74
CA ALA B 191 -9.54 1.76 -11.20
C ALA B 191 -8.96 2.70 -10.15
N LEU B 192 -8.97 4.01 -10.41
CA LEU B 192 -8.46 5.00 -9.48
C LEU B 192 -9.48 6.09 -9.25
N SER B 193 -9.79 6.38 -7.97
CA SER B 193 -10.77 7.41 -7.62
C SER B 193 -10.12 8.42 -6.74
N ILE B 194 -10.17 9.68 -7.12
CA ILE B 194 -9.51 10.75 -6.37
C ILE B 194 -10.52 11.76 -5.87
N ASP B 195 -10.41 12.13 -4.60
CA ASP B 195 -11.15 13.26 -4.06
C ASP B 195 -10.23 14.28 -3.41
N ILE B 196 -10.69 15.52 -3.39
CA ILE B 196 -9.91 16.69 -2.98
C ILE B 196 -10.83 17.50 -2.06
N VAL B 197 -10.55 17.48 -0.76
CA VAL B 197 -11.50 18.02 0.20
C VAL B 197 -10.83 19.03 1.10
N LYS B 198 -11.68 19.93 1.58
CA LYS B 198 -11.30 20.89 2.60
C LYS B 198 -11.20 20.16 3.94
N LYS B 199 -10.54 20.82 4.89
CA LYS B 199 -10.41 20.34 6.24
C LYS B 199 -11.82 20.06 6.82
N GLN B 200 -12.00 18.85 7.39
CA GLN B 200 -13.31 18.39 7.86
C GLN B 200 -13.89 19.30 8.95
N LYS B 201 -13.03 19.76 9.86
CA LYS B 201 -13.43 20.62 10.98
C LYS B 201 -13.21 22.07 10.61
N GLY B 202 -14.23 22.71 10.06
CA GLY B 202 -14.22 24.15 9.85
C GLY B 202 -13.37 24.69 8.70
N GLY B 203 -13.07 23.86 7.73
CA GLY B 203 -12.26 24.29 6.58
C GLY B 203 -12.98 25.25 5.66
N LYS B 204 -12.28 26.25 5.13
CA LYS B 204 -12.87 27.24 4.22
C LYS B 204 -12.70 26.92 2.73
N GLY B 205 -12.02 25.83 2.40
CA GLY B 205 -11.84 25.42 0.99
C GLY B 205 -10.51 24.72 0.80
N THR B 206 -10.14 24.52 -0.45
CA THR B 206 -8.89 23.89 -0.81
C THR B 206 -8.46 24.34 -2.18
N ALA B 207 -7.16 24.40 -2.38
CA ALA B 207 -6.57 24.67 -3.68
C ALA B 207 -5.70 23.52 -4.15
N ALA B 208 -5.82 22.34 -3.55
CA ALA B 208 -4.99 21.22 -3.88
C ALA B 208 -5.34 20.69 -5.26
N GLN B 209 -4.33 20.10 -5.90
CA GLN B 209 -4.46 19.54 -7.25
C GLN B 209 -4.86 18.07 -7.24
N GLY B 210 -5.35 17.59 -8.38
CA GLY B 210 -5.75 16.19 -8.49
C GLY B 210 -4.53 15.31 -8.74
N ILE B 211 -4.05 15.36 -9.95
CA ILE B 211 -2.88 14.59 -10.36
C ILE B 211 -1.78 15.53 -10.84
N TYR B 212 -0.59 15.36 -10.28
CA TYR B 212 0.60 16.11 -10.63
C TYR B 212 1.57 15.11 -11.24
N ILE B 213 1.85 15.24 -12.53
CA ILE B 213 2.87 14.41 -13.20
C ILE B 213 4.11 15.23 -13.51
N ASN B 214 5.29 14.69 -13.19
CA ASN B 214 6.54 15.38 -13.50
C ASN B 214 7.62 14.38 -13.87
N SER B 215 8.68 14.87 -14.51
CA SER B 215 9.95 14.17 -14.63
C SER B 215 11.06 15.13 -14.25
N THR B 216 11.56 15.05 -13.05
CA THR B 216 12.61 15.99 -12.62
C THR B 216 13.87 15.89 -13.47
N SER B 217 14.28 14.68 -13.86
CA SER B 217 15.37 14.44 -14.79
C SER B 217 15.05 14.81 -16.28
N GLY B 218 13.79 14.68 -16.69
CA GLY B 218 13.35 14.79 -18.06
C GLY B 218 13.16 13.44 -18.72
N THR B 219 12.02 13.24 -19.35
CA THR B 219 11.71 11.97 -20.02
C THR B 219 11.39 12.21 -21.49
N ALA B 220 11.78 11.25 -22.32
CA ALA B 220 11.35 11.16 -23.70
C ALA B 220 9.96 10.51 -23.85
N GLY B 221 9.41 9.93 -22.79
CA GLY B 221 8.15 9.18 -22.89
C GLY B 221 6.90 10.04 -22.88
N LYS B 222 5.78 9.44 -23.26
CA LYS B 222 4.49 10.11 -23.10
C LYS B 222 4.17 10.33 -21.62
N MET B 223 3.64 11.49 -21.28
CA MET B 223 3.30 11.77 -19.91
C MET B 223 2.01 11.05 -19.52
N LEU B 224 1.09 10.94 -20.47
CA LEU B 224 -0.18 10.29 -20.25
C LEU B 224 -0.49 9.51 -21.49
N ARG B 225 -0.75 8.24 -21.39
CA ARG B 225 -1.11 7.42 -22.54
C ARG B 225 -2.29 6.58 -22.17
N ILE B 226 -3.36 6.73 -22.93
CA ILE B 226 -4.61 6.03 -22.72
C ILE B 226 -4.94 5.18 -23.91
N ARG B 227 -5.18 3.91 -23.66
CA ARG B 227 -5.59 2.95 -24.65
C ARG B 227 -6.88 2.26 -24.24
N ASN B 228 -7.53 1.66 -25.24
CA ASN B 228 -8.70 0.81 -25.01
C ASN B 228 -8.59 -0.34 -25.95
N LYS B 229 -8.71 -1.57 -25.44
CA LYS B 229 -8.37 -2.79 -26.18
C LYS B 229 -6.97 -2.71 -26.83
N ASN B 230 -6.00 -2.16 -26.09
CA ASN B 230 -4.59 -2.07 -26.50
C ASN B 230 -4.27 -1.08 -27.64
N GLU B 231 -5.26 -0.33 -28.12
CA GLU B 231 -5.08 0.65 -29.19
C GLU B 231 -5.00 2.05 -28.57
N ASP B 232 -4.03 2.83 -28.96
CA ASP B 232 -3.93 4.22 -28.53
C ASP B 232 -5.18 5.07 -28.86
N LYS B 233 -5.72 5.75 -27.86
CA LYS B 233 -6.91 6.58 -28.00
C LYS B 233 -6.68 8.05 -27.67
N PHE B 234 -5.82 8.32 -26.69
CA PHE B 234 -5.54 9.65 -26.26
C PHE B 234 -4.18 9.63 -25.60
N TYR B 235 -3.36 10.63 -25.90
CA TYR B 235 -2.10 10.78 -25.21
C TYR B 235 -1.66 12.20 -25.07
N VAL B 236 -0.87 12.48 -24.04
CA VAL B 236 -0.17 13.74 -23.91
C VAL B 236 1.36 13.41 -23.98
N GLY B 237 2.07 14.07 -24.90
CA GLY B 237 3.48 13.71 -25.16
C GLY B 237 4.39 14.47 -24.25
N PRO B 238 5.70 14.22 -24.35
CA PRO B 238 6.71 14.87 -23.48
C PRO B 238 6.79 16.37 -23.61
N ASP B 239 6.32 16.88 -24.74
CA ASP B 239 6.32 18.31 -25.01
C ASP B 239 5.00 18.96 -24.61
N GLY B 240 4.01 18.16 -24.23
CA GLY B 240 2.73 18.72 -23.83
C GLY B 240 1.69 18.72 -24.93
N GLY B 241 2.07 18.32 -26.14
CA GLY B 241 1.11 18.15 -27.22
C GLY B 241 0.21 16.98 -26.92
N PHE B 242 -1.07 17.04 -27.30
CA PHE B 242 -1.94 15.91 -27.15
C PHE B 242 -2.43 15.38 -28.47
N HIS B 243 -2.83 14.11 -28.47
CA HIS B 243 -3.51 13.47 -29.58
C HIS B 243 -4.78 12.85 -29.05
N SER B 244 -5.92 13.23 -29.59
CA SER B 244 -7.24 12.65 -29.26
C SER B 244 -7.71 11.88 -30.48
N GLY B 245 -8.28 10.71 -30.28
CA GLY B 245 -8.54 9.75 -31.34
C GLY B 245 -9.96 9.75 -31.87
N ALA B 246 -10.76 10.77 -31.53
CA ALA B 246 -12.15 10.81 -31.97
C ALA B 246 -12.80 12.20 -31.78
N ASN B 247 -14.00 12.37 -32.34
CA ASN B 247 -14.77 13.60 -32.16
C ASN B 247 -14.72 14.11 -30.71
N SER B 248 -14.52 15.41 -30.57
CA SER B 248 -14.24 16.04 -29.31
C SER B 248 -14.91 17.38 -29.26
N THR B 249 -15.02 17.93 -28.06
CA THR B 249 -15.75 19.17 -27.83
C THR B 249 -15.05 20.03 -26.82
N VAL B 250 -15.00 21.32 -27.09
CA VAL B 250 -14.72 22.35 -26.10
C VAL B 250 -15.96 23.23 -25.95
N ALA B 251 -16.46 23.30 -24.72
CA ALA B 251 -17.60 24.18 -24.38
C ALA B 251 -16.99 25.54 -24.01
N GLY B 252 -16.55 26.23 -25.05
CA GLY B 252 -15.78 27.47 -24.93
C GLY B 252 -14.93 27.68 -26.16
N ASN B 253 -14.16 28.74 -26.12
CA ASN B 253 -13.27 29.06 -27.22
C ASN B 253 -11.99 28.28 -27.09
N LEU B 254 -11.37 28.00 -28.23
CA LEU B 254 -10.08 27.37 -28.29
C LEU B 254 -9.14 28.32 -28.96
N THR B 255 -8.11 28.75 -28.26
CA THR B 255 -7.05 29.53 -28.87
C THR B 255 -6.04 28.57 -29.52
N VAL B 256 -5.63 28.84 -30.75
CA VAL B 256 -4.58 28.09 -31.46
C VAL B 256 -3.64 29.05 -32.19
N LYS B 257 -2.57 28.52 -32.76
CA LYS B 257 -1.72 29.28 -33.69
C LYS B 257 -2.39 29.35 -35.06
N ASP B 258 -2.09 30.42 -35.81
CA ASP B 258 -2.54 30.55 -37.23
C ASP B 258 -2.05 29.35 -38.02
N PRO B 259 -2.91 28.77 -38.86
CA PRO B 259 -2.62 27.51 -39.55
C PRO B 259 -1.58 27.70 -40.62
N THR B 260 -0.71 26.74 -40.79
CA THR B 260 0.23 26.71 -41.88
C THR B 260 0.23 25.36 -42.61
N SER B 261 -0.81 24.56 -42.40
CA SER B 261 -0.99 23.31 -43.13
C SER B 261 -2.48 23.10 -43.29
N GLY B 262 -2.85 22.31 -44.30
CA GLY B 262 -4.23 22.13 -44.72
C GLY B 262 -5.23 21.74 -43.66
N LYS B 263 -4.85 20.83 -42.75
CA LYS B 263 -5.74 20.34 -41.70
C LYS B 263 -5.59 21.05 -40.35
N HIS B 264 -4.69 22.03 -40.25
CA HIS B 264 -4.67 22.88 -39.07
C HIS B 264 -5.98 23.66 -38.98
N ALA B 265 -6.51 23.76 -37.77
CA ALA B 265 -7.62 24.62 -37.48
C ALA B 265 -7.32 26.08 -37.86
N ALA B 266 -8.31 26.73 -38.47
CA ALA B 266 -8.14 28.10 -38.86
C ALA B 266 -8.51 28.99 -37.70
N THR B 267 -7.75 30.07 -37.54
CA THR B 267 -8.06 31.12 -36.55
C THR B 267 -9.03 32.15 -37.12
N LYS B 268 -9.59 32.95 -36.23
CA LYS B 268 -10.43 34.07 -36.64
C LYS B 268 -9.58 35.03 -37.54
N ASP B 269 -8.36 35.33 -37.11
CA ASP B 269 -7.47 36.16 -37.88
C ASP B 269 -7.26 35.62 -39.29
N TYR B 270 -7.05 34.30 -39.43
CA TYR B 270 -6.85 33.73 -40.75
C TYR B 270 -8.07 33.91 -41.61
N VAL B 271 -9.24 33.57 -41.07
CA VAL B 271 -10.47 33.76 -41.83
C VAL B 271 -10.62 35.23 -42.31
N ASP B 272 -10.46 36.17 -41.38
CA ASP B 272 -10.70 37.59 -41.65
C ASP B 272 -9.72 38.16 -42.66
N GLU B 273 -8.46 37.76 -42.53
CA GLU B 273 -7.46 38.21 -43.49
C GLU B 273 -7.68 37.65 -44.90
N LYS B 274 -8.10 36.39 -45.00
CA LYS B 274 -8.39 35.83 -46.32
C LYS B 274 -9.64 36.45 -46.93
N ILE B 275 -10.61 36.80 -46.10
CA ILE B 275 -11.81 37.50 -46.56
C ILE B 275 -11.42 38.90 -47.08
N ALA B 276 -10.63 39.62 -46.30
CA ALA B 276 -10.15 40.93 -46.70
C ALA B 276 -9.28 40.91 -47.98
N GLU B 277 -8.44 39.88 -48.18
CA GLU B 277 -7.62 39.75 -49.40
C GLU B 277 -8.49 39.57 -50.65
N LEU B 278 -9.47 38.69 -50.55
CA LEU B 278 -10.39 38.45 -51.66
C LEU B 278 -11.14 39.75 -51.99
N LYS B 279 -11.69 40.40 -50.97
CA LYS B 279 -12.35 41.71 -51.11
C LYS B 279 -11.52 42.71 -51.92
N LYS B 280 -10.27 42.88 -51.50
CA LYS B 280 -9.36 43.80 -52.15
C LYS B 280 -9.20 43.45 -53.65
N LEU B 281 -8.92 42.18 -53.93
CA LEU B 281 -8.73 41.74 -55.30
C LEU B 281 -9.99 41.93 -56.16
N ILE B 282 -11.17 41.69 -55.59
CA ILE B 282 -12.41 41.83 -56.33
C ILE B 282 -12.74 43.31 -56.61
N LEU B 283 -12.64 44.16 -55.57
CA LEU B 283 -12.86 45.58 -55.76
C LEU B 283 -11.89 46.19 -56.78
N LYS B 284 -10.68 45.66 -56.85
CA LYS B 284 -9.69 46.12 -57.80
C LYS B 284 -10.13 45.74 -59.23
N LYS B 285 -10.56 44.50 -59.42
CA LYS B 285 -11.05 44.05 -60.74
C LYS B 285 -12.34 44.76 -61.15
N LEU B 286 -13.14 45.19 -60.19
CA LEU B 286 -14.37 45.91 -60.45
C LEU B 286 -14.13 47.35 -60.95
N GLU B 287 -13.26 48.09 -60.26
CA GLU B 287 -12.96 49.47 -60.64
C GLU B 287 -12.17 49.67 -61.95
N HIS B 288 -11.69 48.58 -62.54
CA HIS B 288 -10.92 48.63 -63.78
C HIS B 288 -11.35 47.77 -64.99
N HIS B 289 -12.48 47.07 -64.94
CA HIS B 289 -12.89 46.28 -66.09
C HIS B 289 -13.58 47.17 -67.13
N HIS B 290 -13.43 46.83 -68.41
CA HIS B 290 -14.02 47.57 -69.56
C HIS B 290 -14.68 46.54 -70.48
N HIS B 291 -15.68 46.96 -71.26
CA HIS B 291 -16.34 46.07 -72.25
C HIS B 291 -16.08 46.60 -73.68
N GLU C 18 26.33 -55.31 67.65
CA GLU C 18 25.71 -56.59 67.14
C GLU C 18 25.22 -56.38 65.69
N GLU C 19 24.01 -56.83 65.29
CA GLU C 19 23.40 -56.49 63.98
C GLU C 19 22.30 -55.40 64.08
N THR C 20 22.74 -54.23 64.54
CA THR C 20 22.10 -52.96 64.27
C THR C 20 23.05 -52.08 63.40
N ASN C 21 24.34 -52.42 63.33
CA ASN C 21 25.26 -51.76 62.37
C ASN C 21 24.88 -52.04 60.90
N SER C 22 24.13 -53.10 60.64
CA SER C 22 23.52 -53.32 59.32
C SER C 22 22.39 -52.33 59.05
N LYS C 23 21.48 -52.18 60.02
CA LYS C 23 20.38 -51.22 59.94
C LYS C 23 20.85 -49.76 59.79
N ILE C 24 21.91 -49.38 60.49
CA ILE C 24 22.54 -48.07 60.31
C ILE C 24 23.12 -47.89 58.89
N THR C 25 23.75 -48.93 58.35
CA THR C 25 24.34 -48.87 57.02
C THR C 25 23.27 -48.83 55.92
N LYS C 26 22.12 -49.47 56.17
CA LYS C 26 20.97 -49.41 55.26
C LYS C 26 20.37 -48.00 55.19
N LEU C 27 20.26 -47.32 56.32
CA LEU C 27 19.83 -45.91 56.35
C LEU C 27 20.84 -44.98 55.66
N GLU C 28 22.13 -45.14 55.96
CA GLU C 28 23.18 -44.33 55.31
C GLU C 28 23.20 -44.54 53.78
N SER C 29 22.79 -45.73 53.35
CA SER C 29 22.72 -46.09 51.94
C SER C 29 21.40 -45.64 51.26
N SER C 30 20.25 -45.93 51.91
CA SER C 30 18.93 -45.79 51.28
C SER C 30 18.24 -44.41 51.43
N LYS C 31 18.68 -43.58 52.39
CA LYS C 31 18.10 -42.26 52.62
C LYS C 31 18.82 -41.14 51.92
N ALA C 32 18.04 -40.13 51.49
CA ALA C 32 18.60 -39.01 50.74
C ALA C 32 19.32 -38.04 51.68
N ASP C 33 20.47 -37.58 51.21
CA ASP C 33 21.27 -36.56 51.90
C ASP C 33 20.63 -35.19 51.69
N LYS C 34 20.69 -34.31 52.68
CA LYS C 34 20.23 -32.90 52.53
C LYS C 34 20.96 -32.19 51.41
N SER C 35 22.28 -32.27 51.42
CA SER C 35 23.11 -31.63 50.39
C SER C 35 22.80 -32.08 48.93
N ALA C 36 22.27 -33.29 48.73
CA ALA C 36 21.98 -33.84 47.38
C ALA C 36 20.51 -33.67 46.89
N VAL C 37 19.71 -32.88 47.59
CA VAL C 37 18.30 -32.66 47.20
C VAL C 37 17.90 -31.22 47.55
N TYR C 38 16.97 -30.66 46.77
CA TYR C 38 16.42 -29.34 47.05
C TYR C 38 15.37 -29.46 48.13
N SER C 39 15.38 -28.54 49.10
CA SER C 39 14.20 -28.33 49.95
C SER C 39 13.02 -27.85 49.13
N LYS C 40 11.83 -27.89 49.71
CA LYS C 40 10.63 -27.35 49.09
C LYS C 40 10.79 -25.86 48.77
N ALA C 41 11.46 -25.14 49.66
CA ALA C 41 11.69 -23.71 49.47
C ALA C 41 12.66 -23.46 48.32
N GLU C 42 13.70 -24.28 48.22
CA GLU C 42 14.62 -24.15 47.08
C GLU C 42 13.92 -24.51 45.76
N SER C 43 12.99 -25.47 45.81
CA SER C 43 12.23 -25.91 44.66
C SER C 43 11.30 -24.78 44.17
N LYS C 44 10.65 -24.07 45.10
CA LYS C 44 9.80 -22.97 44.76
C LYS C 44 10.59 -21.86 44.02
N ILE C 45 11.72 -21.49 44.61
CA ILE C 45 12.68 -20.55 44.01
C ILE C 45 13.03 -20.94 42.57
N GLU C 46 13.36 -22.21 42.33
CA GLU C 46 13.75 -22.68 41.00
C GLU C 46 12.59 -22.75 40.04
N LEU C 47 11.43 -23.20 40.52
CA LEU C 47 10.20 -23.19 39.69
C LEU C 47 9.70 -21.78 39.30
N ASP C 48 9.82 -20.82 40.23
CA ASP C 48 9.44 -19.44 39.97
C ASP C 48 10.28 -18.71 38.90
N LYS C 49 11.47 -19.24 38.62
CA LYS C 49 12.28 -18.79 37.50
C LYS C 49 11.83 -19.30 36.14
N LYS C 50 10.88 -20.23 36.10
CA LYS C 50 10.39 -20.84 34.86
C LYS C 50 8.99 -20.37 34.54
N LEU C 51 8.69 -20.34 33.25
CA LEU C 51 7.42 -19.83 32.74
C LEU C 51 6.30 -20.80 32.97
N SER C 52 5.29 -20.33 33.70
CA SER C 52 4.05 -21.09 33.81
C SER C 52 3.22 -21.03 32.55
N LEU C 53 2.67 -22.17 32.13
CA LEU C 53 1.67 -22.24 31.06
C LEU C 53 0.50 -21.25 31.22
N THR C 54 0.18 -20.87 32.45
CA THR C 54 -0.89 -19.87 32.67
C THR C 54 -0.47 -18.40 32.48
N GLY C 55 0.80 -18.14 32.21
CA GLY C 55 1.30 -16.79 31.92
C GLY C 55 2.47 -16.39 32.79
N GLY C 56 3.13 -15.33 32.39
CA GLY C 56 4.27 -14.80 33.11
C GLY C 56 4.91 -13.66 32.32
N ILE C 57 5.97 -13.11 32.89
CA ILE C 57 6.74 -12.03 32.31
C ILE C 57 8.12 -12.54 31.95
N VAL C 58 8.42 -12.54 30.66
CA VAL C 58 9.74 -12.86 30.16
C VAL C 58 10.57 -11.60 30.00
N THR C 59 11.77 -11.61 30.57
CA THR C 59 12.65 -10.42 30.61
C THR C 59 13.91 -10.58 29.77
N GLY C 60 14.11 -11.73 29.13
CA GLY C 60 15.23 -11.87 28.17
C GLY C 60 14.71 -12.19 26.77
N GLN C 61 15.61 -12.62 25.92
CA GLN C 61 15.26 -12.99 24.56
C GLN C 61 14.70 -14.39 24.56
N LEU C 62 13.55 -14.57 23.92
CA LEU C 62 13.01 -15.89 23.63
C LEU C 62 13.29 -16.16 22.17
N GLN C 63 14.09 -17.18 21.91
CA GLN C 63 14.53 -17.54 20.57
C GLN C 63 13.78 -18.76 20.07
N PHE C 64 13.31 -18.75 18.82
CA PHE C 64 12.72 -19.95 18.22
C PHE C 64 13.63 -20.50 17.18
N LYS C 65 13.99 -21.78 17.31
CA LYS C 65 14.93 -22.45 16.39
C LYS C 65 14.39 -23.83 16.16
N PRO C 66 13.29 -23.90 15.43
CA PRO C 66 12.78 -25.20 15.06
C PRO C 66 13.76 -25.91 14.13
N ASN C 67 13.82 -27.22 14.25
CA ASN C 67 14.79 -28.02 13.47
C ASN C 67 14.23 -29.44 13.54
N LYS C 68 13.67 -29.89 12.41
CA LYS C 68 12.93 -31.15 12.34
C LYS C 68 11.93 -31.25 13.51
N SER C 69 11.08 -30.23 13.63
CA SER C 69 10.13 -30.06 14.72
C SER C 69 8.64 -30.15 14.33
N GLY C 70 8.33 -30.59 13.10
CA GLY C 70 6.93 -30.69 12.63
C GLY C 70 6.16 -29.37 12.48
N ILE C 71 6.88 -28.26 12.30
CA ILE C 71 6.24 -26.95 12.07
C ILE C 71 5.58 -26.93 10.68
N LYS C 72 4.35 -26.44 10.65
CA LYS C 72 3.55 -26.47 9.42
C LYS C 72 3.38 -25.08 8.78
N PRO C 73 3.03 -25.06 7.48
CA PRO C 73 2.70 -23.78 6.82
C PRO C 73 1.24 -23.32 7.06
N SER C 74 0.39 -24.22 7.57
CA SER C 74 -1.04 -23.98 7.66
C SER C 74 -1.36 -22.62 8.25
N SER C 75 -2.23 -21.90 7.54
CA SER C 75 -2.68 -20.60 7.97
C SER C 75 -3.67 -20.69 9.12
N SER C 76 -4.05 -21.89 9.59
CA SER C 76 -4.78 -22.01 10.86
C SER C 76 -3.99 -22.62 12.01
N VAL C 77 -3.28 -23.72 11.77
CA VAL C 77 -2.57 -24.45 12.87
C VAL C 77 -1.05 -24.41 12.79
N GLY C 78 -0.48 -23.76 11.80
CA GLY C 78 0.97 -23.76 11.66
C GLY C 78 1.74 -22.82 12.58
N GLY C 79 3.01 -22.64 12.24
CA GLY C 79 3.84 -21.63 12.82
C GLY C 79 4.66 -22.17 13.94
N ALA C 80 5.86 -21.65 14.09
CA ALA C 80 6.62 -21.92 15.27
C ALA C 80 5.91 -21.37 16.49
N ILE C 81 5.29 -20.20 16.30
CA ILE C 81 4.28 -19.68 17.19
C ILE C 81 2.93 -19.73 16.47
N ASN C 82 1.94 -20.22 17.18
CA ASN C 82 0.57 -20.24 16.74
C ASN C 82 -0.30 -19.60 17.82
N ILE C 83 -1.06 -18.58 17.47
CA ILE C 83 -2.00 -17.99 18.39
C ILE C 83 -3.38 -18.16 17.76
N ASP C 84 -4.25 -18.87 18.44
CA ASP C 84 -5.62 -19.06 18.05
C ASP C 84 -6.51 -18.27 19.00
N MET C 85 -7.21 -17.26 18.51
CA MET C 85 -8.07 -16.43 19.35
C MET C 85 -9.52 -16.79 19.14
N SER C 86 -9.82 -17.95 18.55
CA SER C 86 -11.20 -18.31 18.21
C SER C 86 -12.17 -18.27 19.40
N LYS C 87 -11.68 -18.67 20.57
CA LYS C 87 -12.46 -18.79 21.80
C LYS C 87 -12.00 -17.81 22.87
N SER C 88 -11.49 -16.68 22.46
CA SER C 88 -11.05 -15.65 23.39
C SER C 88 -11.25 -14.27 22.84
N GLU C 89 -11.62 -13.36 23.72
CA GLU C 89 -11.61 -11.93 23.43
C GLU C 89 -10.14 -11.47 23.30
N GLY C 90 -9.94 -10.28 22.78
CA GLY C 90 -8.64 -9.64 22.78
C GLY C 90 -7.82 -9.81 21.50
N ALA C 91 -6.71 -9.09 21.49
CA ALA C 91 -5.72 -9.20 20.44
C ALA C 91 -4.91 -10.47 20.57
N ALA C 92 -4.44 -10.99 19.45
CA ALA C 92 -3.47 -12.06 19.49
C ALA C 92 -2.11 -11.59 19.98
N MET C 93 -1.65 -10.48 19.42
CA MET C 93 -0.37 -9.92 19.77
C MET C 93 -0.35 -8.42 19.71
N VAL C 94 0.29 -7.83 20.70
CA VAL C 94 0.50 -6.40 20.79
C VAL C 94 1.99 -6.10 21.00
N MET C 95 2.54 -5.22 20.17
CA MET C 95 3.88 -4.74 20.32
C MET C 95 3.76 -3.23 20.53
N TYR C 96 4.30 -2.75 21.62
CA TYR C 96 4.04 -1.41 22.06
C TYR C 96 5.30 -0.76 22.52
N THR C 97 5.46 0.52 22.23
CA THR C 97 6.56 1.26 22.81
C THR C 97 6.18 2.70 23.05
N ASN C 98 6.67 3.23 24.15
CA ASN C 98 6.57 4.63 24.50
C ASN C 98 7.98 5.24 24.54
N LYS C 99 8.92 4.56 23.91
CA LYS C 99 10.30 4.97 23.98
C LYS C 99 10.51 6.23 23.10
N ASP C 100 11.39 7.12 23.55
CA ASP C 100 11.62 8.44 22.93
C ASP C 100 12.29 8.26 21.58
N THR C 101 13.33 7.42 21.58
CA THR C 101 14.10 7.05 20.40
C THR C 101 14.63 5.64 20.62
N THR C 102 15.07 4.95 19.58
CA THR C 102 15.61 3.61 19.76
C THR C 102 16.45 3.20 18.56
N ASP C 103 17.00 2.00 18.59
CA ASP C 103 17.99 1.59 17.60
C ASP C 103 17.41 0.72 16.51
N GLY C 104 16.12 0.42 16.56
CA GLY C 104 15.53 -0.39 15.50
C GLY C 104 14.04 -0.50 15.51
N PRO C 105 13.50 -1.02 14.41
CA PRO C 105 12.07 -1.12 14.27
C PRO C 105 11.45 -2.11 15.24
N LEU C 106 10.16 -1.93 15.46
CA LEU C 106 9.46 -2.73 16.45
C LEU C 106 9.29 -4.15 15.96
N MET C 107 8.85 -4.33 14.73
CA MET C 107 8.73 -5.68 14.15
C MET C 107 9.54 -5.70 12.85
N ILE C 108 10.30 -6.77 12.65
CA ILE C 108 11.07 -6.94 11.42
C ILE C 108 10.78 -8.32 10.85
N LEU C 109 10.54 -8.37 9.54
CA LEU C 109 10.51 -9.62 8.78
C LEU C 109 11.62 -9.59 7.75
N ARG C 110 12.40 -10.67 7.68
CA ARG C 110 13.53 -10.73 6.77
C ARG C 110 13.74 -12.03 6.04
N SER C 111 13.86 -11.97 4.73
CA SER C 111 14.20 -13.10 3.91
C SER C 111 15.43 -12.70 3.06
N ASP C 112 16.45 -13.56 3.01
CA ASP C 112 17.74 -13.23 2.37
C ASP C 112 17.99 -13.82 0.98
N LYS C 113 17.35 -14.93 0.63
CA LYS C 113 17.58 -15.57 -0.69
C LYS C 113 16.58 -15.10 -1.74
N ASP C 114 17.07 -14.67 -2.87
CA ASP C 114 16.22 -14.21 -3.96
C ASP C 114 15.45 -15.34 -4.65
N THR C 115 15.78 -16.61 -4.36
CA THR C 115 14.92 -17.75 -4.75
C THR C 115 13.73 -18.03 -3.79
N PHE C 116 13.70 -17.35 -2.64
CA PHE C 116 12.66 -17.59 -1.61
C PHE C 116 11.29 -17.43 -2.25
N ASP C 117 10.45 -18.45 -2.09
CA ASP C 117 9.27 -18.62 -2.91
C ASP C 117 7.96 -18.48 -2.11
N GLN C 118 8.06 -17.76 -1.00
CA GLN C 118 6.91 -17.40 -0.26
C GLN C 118 7.03 -15.93 0.15
N SER C 119 5.90 -15.39 0.65
CA SER C 119 5.85 -14.05 1.17
C SER C 119 6.47 -13.95 2.54
N ALA C 120 6.84 -12.72 2.90
CA ALA C 120 7.20 -12.46 4.30
C ALA C 120 5.92 -12.38 5.13
N GLN C 121 4.89 -11.76 4.58
CA GLN C 121 3.63 -11.62 5.31
C GLN C 121 2.45 -11.89 4.42
N PHE C 122 1.56 -12.71 4.96
CA PHE C 122 0.33 -13.07 4.25
C PHE C 122 -0.83 -12.75 5.16
N VAL C 123 -1.72 -11.93 4.67
CA VAL C 123 -2.94 -11.59 5.37
C VAL C 123 -4.12 -12.17 4.60
N ASP C 124 -4.81 -13.11 5.25
CA ASP C 124 -5.93 -13.81 4.66
C ASP C 124 -7.20 -13.39 5.40
N TYR C 125 -7.91 -12.41 4.87
CA TYR C 125 -8.93 -11.73 5.68
C TYR C 125 -10.36 -11.87 5.19
N SER C 126 -11.20 -12.35 6.08
CA SER C 126 -12.64 -12.26 5.95
C SER C 126 -13.08 -11.38 7.09
N GLY C 127 -14.06 -10.54 6.83
CA GLY C 127 -14.57 -9.57 7.82
C GLY C 127 -15.15 -8.37 7.14
N LYS C 128 -15.57 -7.41 7.92
CA LYS C 128 -16.36 -6.28 7.47
C LYS C 128 -15.73 -4.95 7.88
N THR C 129 -14.46 -4.97 8.26
CA THR C 129 -13.72 -3.72 8.37
C THR C 129 -12.42 -3.89 7.56
N ASN C 130 -11.53 -2.91 7.72
CA ASN C 130 -10.32 -2.87 6.88
C ASN C 130 -9.33 -3.95 7.36
N ALA C 131 -8.85 -4.80 6.44
CA ALA C 131 -7.98 -5.94 6.85
C ALA C 131 -6.70 -5.48 7.53
N VAL C 132 -6.06 -4.49 6.95
CA VAL C 132 -4.85 -3.90 7.52
C VAL C 132 -5.11 -2.39 7.53
N ASN C 133 -4.75 -1.75 8.62
CA ASN C 133 -5.08 -0.36 8.87
C ASN C 133 -3.86 0.32 9.49
N ILE C 134 -3.27 1.24 8.74
CA ILE C 134 -2.05 1.94 9.15
C ILE C 134 -2.36 3.40 9.31
N VAL C 135 -2.05 3.91 10.48
CA VAL C 135 -2.34 5.29 10.84
C VAL C 135 -1.08 6.01 11.31
N MET C 136 -0.73 7.11 10.65
CA MET C 136 0.30 8.02 11.17
C MET C 136 -0.43 9.16 11.87
N ARG C 137 -0.23 9.25 13.19
CA ARG C 137 -0.84 10.31 14.04
C ARG C 137 -0.22 11.65 13.82
N GLN C 138 -0.92 12.69 14.25
CA GLN C 138 -0.46 14.07 14.01
C GLN C 138 0.80 14.30 14.82
N PRO C 139 1.94 14.60 14.18
CA PRO C 139 3.13 14.94 14.96
C PRO C 139 3.06 16.36 15.53
N SER C 140 3.82 16.64 16.56
CA SER C 140 3.96 18.02 17.09
C SER C 140 4.45 18.99 16.04
N ALA C 141 5.37 18.53 15.19
CA ALA C 141 5.94 19.34 14.14
C ALA C 141 5.89 18.50 12.87
N PRO C 142 5.35 19.08 11.78
CA PRO C 142 5.38 18.34 10.49
C PRO C 142 6.80 17.92 10.10
N ASN C 143 6.92 16.78 9.44
CA ASN C 143 8.22 16.22 9.07
C ASN C 143 8.03 15.33 7.86
N PHE C 144 9.14 14.98 7.19
CA PHE C 144 9.03 14.13 6.02
C PHE C 144 9.08 12.66 6.44
N SER C 145 7.89 12.08 6.57
CA SER C 145 7.69 10.68 6.91
C SER C 145 6.29 10.30 6.48
N SER C 146 6.11 9.01 6.21
CA SER C 146 4.93 8.43 5.58
C SER C 146 4.33 7.36 6.48
N ALA C 147 3.07 7.08 6.26
CA ALA C 147 2.45 5.91 6.86
C ALA C 147 2.99 4.63 6.26
N LEU C 148 3.21 4.64 4.96
CA LEU C 148 3.60 3.44 4.23
C LEU C 148 4.60 3.82 3.16
N ASN C 149 5.76 3.16 3.17
CA ASN C 149 6.84 3.35 2.21
C ASN C 149 7.15 2.03 1.50
N ILE C 150 7.12 2.09 0.18
CA ILE C 150 7.31 0.91 -0.66
C ILE C 150 8.48 1.16 -1.62
N THR C 151 9.43 0.23 -1.68
CA THR C 151 10.60 0.33 -2.56
C THR C 151 10.94 -1.03 -3.13
N SER C 152 11.11 -1.10 -4.44
CA SER C 152 11.59 -2.29 -5.12
C SER C 152 12.76 -1.95 -6.03
N ALA C 153 13.73 -2.85 -6.04
CA ALA C 153 14.85 -2.81 -6.93
C ALA C 153 14.74 -4.00 -7.92
N ASN C 154 13.54 -4.59 -8.05
CA ASN C 154 13.26 -5.63 -9.02
C ASN C 154 12.67 -5.00 -10.28
N GLU C 155 13.47 -4.93 -11.34
CA GLU C 155 13.02 -4.38 -12.59
C GLU C 155 12.04 -5.25 -13.35
N GLY C 156 11.90 -6.51 -13.01
CA GLY C 156 10.99 -7.41 -13.73
C GLY C 156 9.51 -7.35 -13.27
N GLY C 157 9.19 -6.57 -12.23
CA GLY C 157 7.87 -6.56 -11.66
C GLY C 157 7.50 -5.20 -11.12
N SER C 158 6.21 -4.97 -11.07
CA SER C 158 5.67 -3.75 -10.45
C SER C 158 5.96 -3.78 -8.94
N ALA C 159 6.43 -2.66 -8.42
CA ALA C 159 6.67 -2.59 -6.95
C ALA C 159 5.40 -2.90 -6.14
N MET C 160 4.25 -2.48 -6.67
CA MET C 160 2.97 -2.74 -6.03
C MET C 160 1.91 -3.05 -7.03
N GLN C 161 1.00 -3.93 -6.62
CA GLN C 161 -0.14 -4.33 -7.44
C GLN C 161 -1.40 -4.23 -6.58
N ILE C 162 -2.48 -3.75 -7.21
CA ILE C 162 -3.77 -3.73 -6.54
C ILE C 162 -4.82 -4.24 -7.48
N ARG C 163 -5.69 -5.13 -7.02
CA ARG C 163 -6.83 -5.59 -7.79
C ARG C 163 -8.09 -5.52 -6.93
N GLY C 164 -9.14 -4.93 -7.46
CA GLY C 164 -10.46 -4.86 -6.77
C GLY C 164 -11.59 -5.16 -7.76
N VAL C 165 -12.80 -5.35 -7.22
CA VAL C 165 -13.94 -5.74 -8.01
C VAL C 165 -15.15 -4.81 -7.75
N GLU C 166 -14.89 -3.52 -7.61
CA GLU C 166 -15.86 -2.58 -7.09
C GLU C 166 -17.02 -2.45 -8.06
N LYS C 167 -18.24 -2.45 -7.53
CA LYS C 167 -19.41 -2.13 -8.35
C LYS C 167 -19.38 -0.69 -8.78
N ALA C 168 -19.21 0.23 -7.84
CA ALA C 168 -19.44 1.66 -8.02
C ALA C 168 -18.45 2.52 -7.24
N LEU C 169 -17.19 2.11 -7.21
CA LEU C 169 -16.16 2.85 -6.47
C LEU C 169 -14.85 2.65 -7.23
N GLY C 170 -13.84 3.42 -6.81
CA GLY C 170 -12.49 3.19 -7.28
C GLY C 170 -11.81 2.00 -6.58
N THR C 171 -10.98 1.27 -7.34
CA THR C 171 -10.17 0.20 -6.74
C THR C 171 -9.20 0.80 -5.73
N LEU C 172 -8.58 1.91 -6.10
CA LEU C 172 -7.82 2.71 -5.16
C LEU C 172 -8.53 4.03 -5.00
N LYS C 173 -8.80 4.39 -3.74
CA LYS C 173 -9.37 5.72 -3.44
C LYS C 173 -8.33 6.51 -2.70
N ILE C 174 -8.00 7.67 -3.23
CA ILE C 174 -7.11 8.59 -2.58
C ILE C 174 -7.86 9.84 -2.31
N THR C 175 -7.81 10.29 -1.07
CA THR C 175 -8.32 11.59 -0.70
C THR C 175 -7.23 12.44 -0.14
N HIS C 176 -7.07 13.63 -0.68
CA HIS C 176 -6.27 14.69 -0.05
C HIS C 176 -7.23 15.63 0.67
N GLU C 177 -6.89 15.95 1.90
CA GLU C 177 -7.65 16.82 2.76
C GLU C 177 -6.76 17.99 3.17
N ASN C 178 -7.22 19.22 2.98
CA ASN C 178 -6.45 20.42 3.41
C ASN C 178 -6.13 20.26 4.89
N PRO C 179 -4.84 20.35 5.30
CA PRO C 179 -4.52 20.29 6.74
C PRO C 179 -4.87 21.54 7.49
N ASN C 180 -5.16 22.63 6.77
CA ASN C 180 -5.41 23.94 7.37
C ASN C 180 -6.79 24.44 6.99
N VAL C 181 -7.31 25.34 7.80
CA VAL C 181 -8.57 26.03 7.58
C VAL C 181 -8.54 26.94 6.32
N GLU C 182 -7.38 27.57 6.04
CA GLU C 182 -7.27 28.54 4.93
C GLU C 182 -7.26 27.83 3.57
N ALA C 183 -8.12 28.32 2.69
CA ALA C 183 -8.40 27.68 1.42
C ALA C 183 -7.19 27.51 0.50
N LYS C 184 -6.24 28.44 0.55
CA LYS C 184 -5.05 28.41 -0.31
C LYS C 184 -3.80 27.74 0.28
N TYR C 185 -3.88 27.28 1.51
CA TYR C 185 -2.69 26.77 2.22
C TYR C 185 -2.07 25.56 1.50
N ASP C 186 -2.93 24.73 0.91
CA ASP C 186 -2.49 23.49 0.27
C ASP C 186 -2.35 23.58 -1.25
N GLU C 187 -2.11 24.78 -1.75
CA GLU C 187 -2.07 25.03 -3.21
C GLU C 187 -0.96 24.26 -3.97
N ASN C 188 0.12 23.88 -3.28
CA ASN C 188 1.13 23.01 -3.91
C ASN C 188 0.94 21.52 -3.67
N ALA C 189 -0.10 21.14 -2.99
CA ALA C 189 -0.34 19.71 -2.69
C ALA C 189 -1.02 19.06 -3.86
N ALA C 190 -1.03 17.73 -3.83
CA ALA C 190 -1.80 16.91 -4.79
C ALA C 190 -2.34 15.64 -4.12
N ALA C 191 -3.39 15.04 -4.69
CA ALA C 191 -3.80 13.73 -4.28
C ALA C 191 -2.79 12.68 -4.75
N LEU C 192 -2.35 12.79 -6.00
CA LEU C 192 -1.37 11.85 -6.56
C LEU C 192 -0.25 12.65 -7.21
N SER C 193 0.99 12.32 -6.83
CA SER C 193 2.16 12.98 -7.35
C SER C 193 3.06 11.95 -7.99
N ILE C 194 3.38 12.13 -9.25
CA ILE C 194 4.22 11.19 -9.96
C ILE C 194 5.52 11.89 -10.41
N ASP C 195 6.63 11.22 -10.20
CA ASP C 195 7.91 11.62 -10.74
C ASP C 195 8.56 10.49 -11.54
N ILE C 196 9.38 10.87 -12.50
CA ILE C 196 9.96 9.95 -13.46
C ILE C 196 11.45 10.34 -13.57
N VAL C 197 12.34 9.48 -13.05
CA VAL C 197 13.72 9.88 -12.88
C VAL C 197 14.65 8.88 -13.52
N LYS C 198 15.82 9.40 -13.86
CA LYS C 198 16.93 8.57 -14.35
C LYS C 198 17.54 7.84 -13.17
N LYS C 199 18.31 6.81 -13.50
CA LYS C 199 19.08 6.05 -12.52
C LYS C 199 19.97 7.00 -11.70
N GLN C 200 19.89 6.89 -10.38
CA GLN C 200 20.56 7.82 -9.44
C GLN C 200 22.08 7.80 -9.62
N LYS C 201 22.65 6.61 -9.84
CA LYS C 201 24.09 6.46 -10.03
C LYS C 201 24.43 6.46 -11.51
N GLY C 202 24.75 7.63 -12.03
CA GLY C 202 25.30 7.76 -13.37
C GLY C 202 24.35 7.57 -14.54
N GLY C 203 23.05 7.75 -14.32
CA GLY C 203 22.05 7.50 -15.37
C GLY C 203 22.11 8.58 -16.45
N LYS C 204 21.86 8.18 -17.70
CA LYS C 204 21.89 9.15 -18.83
C LYS C 204 20.56 9.75 -19.22
N GLY C 205 19.47 9.29 -18.60
CA GLY C 205 18.11 9.81 -18.91
C GLY C 205 17.07 8.73 -18.68
N THR C 206 15.86 8.98 -19.16
CA THR C 206 14.77 8.01 -19.06
C THR C 206 13.76 8.26 -20.15
N ALA C 207 13.10 7.20 -20.58
CA ALA C 207 12.00 7.31 -21.52
C ALA C 207 10.67 6.83 -20.91
N ALA C 208 10.60 6.72 -19.59
CA ALA C 208 9.44 6.12 -18.96
C ALA C 208 8.27 7.07 -19.00
N GLN C 209 7.07 6.49 -19.02
CA GLN C 209 5.81 7.22 -19.07
C GLN C 209 5.26 7.57 -17.67
N GLY C 210 4.39 8.55 -17.62
CA GLY C 210 3.76 8.97 -16.36
C GLY C 210 2.63 8.00 -15.98
N ILE C 211 1.53 8.13 -16.70
CA ILE C 211 0.36 7.29 -16.50
C ILE C 211 0.03 6.56 -17.77
N TYR C 212 -0.09 5.26 -17.67
CA TYR C 212 -0.51 4.38 -18.77
C TYR C 212 -1.84 3.79 -18.34
N ILE C 213 -2.92 4.14 -19.04
CA ILE C 213 -4.22 3.52 -18.82
C ILE C 213 -4.55 2.59 -20.00
N ASN C 214 -5.09 1.41 -19.74
CA ASN C 214 -5.57 0.52 -20.79
C ASN C 214 -6.81 -0.22 -20.33
N SER C 215 -7.53 -0.86 -21.25
CA SER C 215 -8.47 -1.91 -20.93
C SER C 215 -8.19 -3.09 -21.85
N THR C 216 -7.51 -4.10 -21.36
CA THR C 216 -7.17 -5.25 -22.17
C THR C 216 -8.40 -5.96 -22.74
N SER C 217 -9.46 -6.12 -21.96
CA SER C 217 -10.72 -6.67 -22.52
C SER C 217 -11.60 -5.66 -23.28
N GLY C 218 -11.46 -4.36 -23.02
CA GLY C 218 -12.25 -3.32 -23.71
C GLY C 218 -13.34 -2.79 -22.80
N THR C 219 -13.43 -1.46 -22.65
CA THR C 219 -14.41 -0.86 -21.77
C THR C 219 -15.31 0.10 -22.55
N ALA C 220 -16.58 0.13 -22.17
CA ALA C 220 -17.51 1.19 -22.60
C ALA C 220 -17.38 2.47 -21.77
N GLY C 221 -16.59 2.49 -20.71
CA GLY C 221 -16.55 3.64 -19.84
C GLY C 221 -15.61 4.73 -20.27
N LYS C 222 -15.74 5.88 -19.62
CA LYS C 222 -14.79 6.94 -19.78
C LYS C 222 -13.40 6.53 -19.25
N MET C 223 -12.34 6.86 -19.96
CA MET C 223 -11.02 6.53 -19.54
C MET C 223 -10.56 7.47 -18.45
N LEU C 224 -10.97 8.72 -18.56
CA LEU C 224 -10.58 9.73 -17.58
C LEU C 224 -11.80 10.60 -17.39
N ARG C 225 -12.26 10.79 -16.17
CA ARG C 225 -13.38 11.66 -15.89
C ARG C 225 -13.05 12.57 -14.75
N ILE C 226 -13.11 13.85 -14.97
CA ILE C 226 -12.71 14.85 -14.00
C ILE C 226 -13.91 15.74 -13.68
N ARG C 227 -14.22 15.82 -12.39
CA ARG C 227 -15.27 16.69 -11.87
C ARG C 227 -14.74 17.65 -10.81
N ASN C 228 -15.49 18.71 -10.57
CA ASN C 228 -15.22 19.66 -9.50
C ASN C 228 -16.56 20.06 -8.91
N LYS C 229 -16.71 19.92 -7.59
CA LYS C 229 -18.01 20.00 -6.94
C LYS C 229 -19.04 19.07 -7.58
N ASN C 230 -18.62 17.86 -7.96
CA ASN C 230 -19.52 16.83 -8.54
C ASN C 230 -20.07 17.10 -9.96
N GLU C 231 -19.62 18.17 -10.60
CA GLU C 231 -20.06 18.49 -11.95
C GLU C 231 -18.97 18.23 -12.99
N ASP C 232 -19.27 17.42 -14.00
CA ASP C 232 -18.32 17.11 -15.05
C ASP C 232 -17.62 18.34 -15.66
N LYS C 233 -16.29 18.32 -15.69
CA LYS C 233 -15.47 19.40 -16.22
C LYS C 233 -14.61 19.01 -17.43
N PHE C 234 -14.10 17.79 -17.41
CA PHE C 234 -13.28 17.28 -18.49
C PHE C 234 -13.39 15.78 -18.51
N TYR C 235 -13.48 15.18 -19.67
CA TYR C 235 -13.39 13.74 -19.77
C TYR C 235 -12.77 13.26 -21.05
N VAL C 236 -12.18 12.07 -21.01
CA VAL C 236 -11.79 11.33 -22.20
C VAL C 236 -12.60 10.07 -22.31
N GLY C 237 -13.25 9.88 -23.44
CA GLY C 237 -14.20 8.78 -23.64
C GLY C 237 -13.48 7.55 -24.11
N PRO C 238 -14.24 6.46 -24.26
CA PRO C 238 -13.66 5.15 -24.65
C PRO C 238 -13.05 5.12 -26.03
N ASP C 239 -13.44 6.07 -26.87
CA ASP C 239 -12.91 6.17 -28.22
C ASP C 239 -11.73 7.13 -28.29
N GLY C 240 -11.40 7.78 -27.17
CA GLY C 240 -10.29 8.71 -27.15
C GLY C 240 -10.67 10.15 -27.33
N GLY C 241 -11.93 10.40 -27.67
CA GLY C 241 -12.40 11.76 -27.85
C GLY C 241 -12.54 12.41 -26.49
N PHE C 242 -12.35 13.71 -26.43
CA PHE C 242 -12.43 14.43 -25.16
C PHE C 242 -13.52 15.47 -25.18
N HIS C 243 -14.00 15.81 -23.99
CA HIS C 243 -14.87 16.97 -23.77
C HIS C 243 -14.25 17.84 -22.73
N SER C 244 -14.02 19.10 -23.05
CA SER C 244 -13.48 20.10 -22.11
C SER C 244 -14.57 21.11 -21.84
N GLY C 245 -14.72 21.53 -20.59
CA GLY C 245 -15.87 22.31 -20.15
C GLY C 245 -15.66 23.81 -20.08
N ALA C 246 -14.58 24.31 -20.68
CA ALA C 246 -14.22 25.73 -20.59
C ALA C 246 -13.17 26.15 -21.62
N ASN C 247 -13.00 27.46 -21.76
CA ASN C 247 -11.98 28.02 -22.67
C ASN C 247 -10.63 27.29 -22.51
N SER C 248 -10.02 27.00 -23.63
CA SER C 248 -8.86 26.14 -23.72
C SER C 248 -7.88 26.70 -24.73
N THR C 249 -6.65 26.22 -24.69
CA THR C 249 -5.55 26.77 -25.45
C THR C 249 -4.64 25.67 -25.92
N VAL C 250 -4.24 25.76 -27.19
CA VAL C 250 -3.10 25.03 -27.70
C VAL C 250 -2.02 26.03 -28.09
N ALA C 251 -0.83 25.88 -27.52
CA ALA C 251 0.33 26.69 -27.87
C ALA C 251 1.02 26.04 -29.06
N GLY C 252 0.36 26.14 -30.22
CA GLY C 252 0.72 25.39 -31.41
C GLY C 252 -0.49 25.19 -32.30
N ASN C 253 -0.28 24.45 -33.37
CA ASN C 253 -1.35 24.14 -34.30
C ASN C 253 -2.14 22.95 -33.78
N LEU C 254 -3.42 22.91 -34.10
CA LEU C 254 -4.28 21.80 -33.81
C LEU C 254 -4.77 21.26 -35.12
N THR C 255 -4.44 20.03 -35.43
CA THR C 255 -4.94 19.36 -36.61
C THR C 255 -6.32 18.77 -36.31
N VAL C 256 -7.27 18.99 -37.23
CA VAL C 256 -8.63 18.47 -37.11
C VAL C 256 -9.10 17.92 -38.45
N LYS C 257 -10.26 17.25 -38.45
CA LYS C 257 -10.95 16.89 -39.67
C LYS C 257 -11.69 18.12 -40.21
N ASP C 258 -11.88 18.15 -41.54
CA ASP C 258 -12.73 19.18 -42.18
C ASP C 258 -14.12 19.14 -41.56
N PRO C 259 -14.68 20.32 -41.24
CA PRO C 259 -15.96 20.41 -40.53
C PRO C 259 -17.10 20.00 -41.40
N THR C 260 -18.08 19.35 -40.81
CA THR C 260 -19.30 18.95 -41.49
C THR C 260 -20.56 19.44 -40.75
N SER C 261 -20.41 20.29 -39.74
CA SER C 261 -21.52 20.81 -38.97
C SER C 261 -21.12 22.20 -38.48
N GLY C 262 -22.13 23.00 -38.16
CA GLY C 262 -21.97 24.44 -37.89
C GLY C 262 -20.92 24.85 -36.88
N LYS C 263 -20.85 24.12 -35.77
CA LYS C 263 -19.90 24.44 -34.68
C LYS C 263 -18.59 23.66 -34.72
N HIS C 264 -18.41 22.77 -35.69
CA HIS C 264 -17.10 22.18 -35.90
C HIS C 264 -16.08 23.26 -36.29
N ALA C 265 -14.90 23.17 -35.73
CA ALA C 265 -13.80 24.05 -36.10
C ALA C 265 -13.45 23.91 -37.59
N ALA C 266 -13.20 25.04 -38.24
CA ALA C 266 -12.89 25.02 -39.65
C ALA C 266 -11.40 24.80 -39.83
N THR C 267 -11.05 24.01 -40.84
CA THR C 267 -9.67 23.80 -41.23
C THR C 267 -9.20 24.88 -42.20
N LYS C 268 -7.88 24.96 -42.40
CA LYS C 268 -7.32 25.83 -43.40
C LYS C 268 -7.87 25.47 -44.78
N ASP C 269 -7.89 24.18 -45.11
CA ASP C 269 -8.47 23.74 -46.36
C ASP C 269 -9.90 24.21 -46.54
N TYR C 270 -10.74 24.12 -45.50
CA TYR C 270 -12.12 24.55 -45.63
C TYR C 270 -12.19 26.04 -45.92
N VAL C 271 -11.43 26.84 -45.15
CA VAL C 271 -11.44 28.27 -45.39
C VAL C 271 -11.02 28.57 -46.87
N ASP C 272 -9.91 27.98 -47.32
CA ASP C 272 -9.35 28.23 -48.63
C ASP C 272 -10.24 27.79 -49.77
N GLU C 273 -10.88 26.65 -49.61
CA GLU C 273 -11.83 26.17 -50.61
C GLU C 273 -13.06 27.06 -50.70
N LYS C 274 -13.57 27.55 -49.57
CA LYS C 274 -14.72 28.46 -49.61
C LYS C 274 -14.34 29.80 -50.20
N ILE C 275 -13.12 30.26 -49.94
CA ILE C 275 -12.62 31.50 -50.54
C ILE C 275 -12.50 31.32 -52.06
N ALA C 276 -11.89 30.22 -52.50
CA ALA C 276 -11.81 29.90 -53.90
C ALA C 276 -13.16 29.76 -54.62
N GLU C 277 -14.17 29.18 -53.97
CA GLU C 277 -15.51 29.03 -54.60
C GLU C 277 -16.17 30.39 -54.83
N LEU C 278 -16.10 31.26 -53.83
CA LEU C 278 -16.67 32.59 -53.93
C LEU C 278 -15.97 33.34 -55.07
N LYS C 279 -14.63 33.31 -55.05
CA LYS C 279 -13.81 33.89 -56.12
C LYS C 279 -14.25 33.47 -57.50
N LYS C 280 -14.38 32.17 -57.71
CA LYS C 280 -14.80 31.61 -58.99
C LYS C 280 -16.14 32.19 -59.40
N LEU C 281 -17.13 32.15 -58.50
CA LEU C 281 -18.45 32.67 -58.82
C LEU C 281 -18.45 34.17 -59.18
N ILE C 282 -17.65 34.96 -58.46
CA ILE C 282 -17.61 36.39 -58.69
C ILE C 282 -16.88 36.72 -59.99
N LEU C 283 -15.71 36.10 -60.22
CA LEU C 283 -15.00 36.30 -61.47
C LEU C 283 -15.80 35.86 -62.66
N LYS C 284 -16.65 34.87 -62.52
CA LYS C 284 -17.51 34.41 -63.60
C LYS C 284 -18.56 35.47 -63.90
N LYS C 285 -19.20 36.03 -62.86
CA LYS C 285 -20.18 37.09 -63.05
C LYS C 285 -19.55 38.37 -63.61
N LEU C 286 -18.28 38.61 -63.29
CA LEU C 286 -17.56 39.78 -63.76
C LEU C 286 -17.20 39.69 -65.27
N GLU C 287 -16.58 38.58 -65.65
CA GLU C 287 -16.16 38.36 -67.03
C GLU C 287 -17.32 38.28 -68.04
N HIS C 288 -18.57 38.08 -67.61
CA HIS C 288 -19.71 37.73 -68.47
C HIS C 288 -20.97 38.63 -68.37
N HIS C 289 -20.96 39.70 -67.57
CA HIS C 289 -22.12 40.58 -67.53
C HIS C 289 -22.09 41.56 -68.70
N HIS C 290 -23.27 41.98 -69.17
CA HIS C 290 -23.40 43.00 -70.24
C HIS C 290 -24.23 44.22 -69.79
N HIS C 291 -24.09 45.34 -70.51
CA HIS C 291 -24.87 46.57 -70.27
C HIS C 291 -25.45 47.09 -71.60
#